data_6RV2
#
_entry.id   6RV2
#
_cell.length_a   45.140
_cell.length_b   204.790
_cell.length_c   238.340
_cell.angle_alpha   90.00
_cell.angle_beta   90.00
_cell.angle_gamma   90.00
#
_symmetry.space_group_name_H-M   'P 2 21 21'
#
loop_
_entity.id
_entity.type
_entity.pdbx_description
1 polymer 'Potassium channel subfamily K member 3'
2 non-polymer 'POTASSIUM ION'
3 non-polymer 'CHOLESTEROL HEMISUCCINATE'
4 non-polymer DECYL-BETA-D-MALTOPYRANOSIDE
5 non-polymer 1,2-DIACYL-SN-GLYCERO-3-PHOSPHOCHOLINE
6 water water
#
_entity_poly.entity_id   1
_entity_poly.type   'polypeptide(L)'
_entity_poly.pdbx_seq_one_letter_code
;MKRQNVRTLALIVCTFTYLLVGAAVFDALESEPELIERQRLELRQQELRARYNLSQGGYEELERVVLRLKPHKAGVQWRF
AGSFYFAITVITTIGYGHAAPSTDGGKVFCMFYALLGIPLTLVMFQSLGERINTLVRYLLHRAKKGLGMRRADVSMANMV
LIGFFSCISTLCIGAAAFSHYEHWTFFQAYYYCFITLTTIGFGDYVALQKDQALQTQPQYVAFSFVYILTGLTVIGAFLN
LVVLRFMTMNAEDEKRDAENLYFQ
;
_entity_poly.pdbx_strand_id   A,B,C,D
#
loop_
_chem_comp.id
_chem_comp.type
_chem_comp.name
_chem_comp.formula
DMU D-saccharide DECYL-BETA-D-MALTOPYRANOSIDE 'C22 H42 O11'
K non-polymer 'POTASSIUM ION' 'K 1'
PC1 non-polymer 1,2-DIACYL-SN-GLYCERO-3-PHOSPHOCHOLINE 'C44 H88 N O8 P'
Y01 non-polymer 'CHOLESTEROL HEMISUCCINATE' 'C31 H50 O4'
#
# COMPACT_ATOMS: atom_id res chain seq x y z
N MET A 1 -19.74 41.25 11.23
CA MET A 1 -18.34 40.89 11.39
C MET A 1 -17.40 42.09 11.32
N LYS A 2 -16.32 42.07 12.13
CA LYS A 2 -15.29 43.11 12.18
C LYS A 2 -14.50 43.13 10.87
N ARG A 3 -13.98 44.32 10.48
CA ARG A 3 -13.17 44.51 9.26
C ARG A 3 -11.96 43.58 9.20
N GLN A 4 -11.28 43.37 10.35
CA GLN A 4 -10.11 42.47 10.46
C GLN A 4 -10.53 41.03 10.17
N ASN A 5 -11.67 40.59 10.76
CA ASN A 5 -12.22 39.24 10.62
C ASN A 5 -12.67 38.94 9.18
N VAL A 6 -13.22 39.94 8.47
CA VAL A 6 -13.64 39.80 7.08
C VAL A 6 -12.39 39.69 6.20
N ARG A 7 -11.40 40.58 6.41
CA ARG A 7 -10.11 40.64 5.70
C ARG A 7 -9.33 39.34 5.83
N THR A 8 -9.23 38.79 7.07
CA THR A 8 -8.50 37.55 7.38
C THR A 8 -9.16 36.36 6.68
N LEU A 9 -10.50 36.21 6.80
CA LEU A 9 -11.25 35.13 6.15
C LEU A 9 -11.17 35.20 4.62
N ALA A 10 -11.25 36.43 4.04
CA ALA A 10 -11.15 36.66 2.60
C ALA A 10 -9.78 36.17 2.10
N LEU A 11 -8.70 36.50 2.83
CA LEU A 11 -7.34 36.09 2.51
C LEU A 11 -7.15 34.57 2.57
N ILE A 12 -7.76 33.89 3.57
CA ILE A 12 -7.72 32.44 3.75
C ILE A 12 -8.43 31.77 2.54
N VAL A 13 -9.64 32.26 2.21
CA VAL A 13 -10.44 31.79 1.06
C VAL A 13 -9.66 32.02 -0.25
N CYS A 14 -8.99 33.19 -0.38
CA CYS A 14 -8.17 33.56 -1.54
C CYS A 14 -7.00 32.61 -1.71
N THR A 15 -6.20 32.39 -0.65
CA THR A 15 -5.03 31.50 -0.64
C THR A 15 -5.40 30.06 -0.99
N PHE A 16 -6.49 29.52 -0.36
CA PHE A 16 -6.95 28.16 -0.61
C PHE A 16 -7.48 27.95 -2.02
N THR A 17 -8.16 28.96 -2.60
CA THR A 17 -8.64 28.88 -3.99
C THR A 17 -7.47 29.01 -4.95
N TYR A 18 -6.46 29.84 -4.61
CA TYR A 18 -5.24 30.06 -5.38
C TYR A 18 -4.42 28.76 -5.44
N LEU A 19 -4.47 27.97 -4.35
CA LEU A 19 -3.82 26.67 -4.24
C LEU A 19 -4.52 25.64 -5.13
N LEU A 20 -5.89 25.60 -5.11
CA LEU A 20 -6.70 24.68 -5.91
C LEU A 20 -6.50 24.95 -7.39
N VAL A 21 -6.50 26.25 -7.78
CA VAL A 21 -6.29 26.71 -9.16
C VAL A 21 -4.87 26.33 -9.62
N GLY A 22 -3.88 26.59 -8.77
CA GLY A 22 -2.49 26.25 -9.01
C GLY A 22 -2.29 24.77 -9.21
N ALA A 23 -2.84 23.95 -8.28
CA ALA A 23 -2.80 22.49 -8.33
C ALA A 23 -3.42 21.97 -9.63
N ALA A 24 -4.53 22.59 -10.08
CA ALA A 24 -5.23 22.24 -11.32
C ALA A 24 -4.36 22.51 -12.55
N VAL A 25 -3.70 23.70 -12.60
CA VAL A 25 -2.84 24.11 -13.71
C VAL A 25 -1.56 23.28 -13.75
N PHE A 26 -0.87 23.10 -12.59
CA PHE A 26 0.36 22.31 -12.49
C PHE A 26 0.16 20.84 -12.86
N ASP A 27 -1.07 20.32 -12.65
CA ASP A 27 -1.48 18.97 -13.02
C ASP A 27 -1.51 18.92 -14.56
N ALA A 28 -2.27 19.84 -15.20
CA ALA A 28 -2.43 19.95 -16.65
C ALA A 28 -1.11 20.15 -17.42
N LEU A 29 -0.12 20.81 -16.80
CA LEU A 29 1.16 21.09 -17.42
C LEU A 29 2.26 20.06 -17.16
N GLU A 30 2.22 19.37 -16.00
CA GLU A 30 3.30 18.45 -15.64
C GLU A 30 2.94 16.96 -15.49
N SER A 31 1.64 16.58 -15.35
CA SER A 31 1.24 15.17 -15.18
C SER A 31 1.68 14.25 -16.32
N GLU A 32 1.22 14.51 -17.56
CA GLU A 32 1.58 13.70 -18.72
C GLU A 32 3.09 13.73 -19.04
N PRO A 33 3.81 14.90 -19.04
CA PRO A 33 5.26 14.86 -19.29
C PRO A 33 6.04 13.98 -18.33
N GLU A 34 5.62 13.95 -17.03
CA GLU A 34 6.24 13.14 -15.97
C GLU A 34 6.02 11.64 -16.23
N LEU A 35 4.78 11.26 -16.62
CA LEU A 35 4.39 9.87 -16.96
C LEU A 35 5.16 9.41 -18.20
N ILE A 36 5.36 10.32 -19.17
CA ILE A 36 6.13 10.07 -20.40
C ILE A 36 7.60 9.87 -20.04
N GLU A 37 8.19 10.77 -19.23
CA GLU A 37 9.59 10.70 -18.80
C GLU A 37 9.85 9.45 -17.98
N ARG A 38 8.93 9.09 -17.07
CA ARG A 38 9.04 7.89 -16.22
C ARG A 38 9.11 6.62 -17.07
N GLN A 39 8.28 6.51 -18.12
CA GLN A 39 8.26 5.37 -19.02
C GLN A 39 9.53 5.30 -19.88
N ARG A 40 9.96 6.48 -20.41
CA ARG A 40 11.16 6.66 -21.23
C ARG A 40 12.41 6.25 -20.46
N LEU A 41 12.54 6.70 -19.19
CA LEU A 41 13.67 6.37 -18.34
C LEU A 41 13.70 4.89 -17.93
N GLU A 42 12.51 4.28 -17.70
CA GLU A 42 12.36 2.87 -17.33
C GLU A 42 12.85 1.94 -18.45
N LEU A 43 12.60 2.34 -19.73
CA LEU A 43 13.04 1.63 -20.94
C LEU A 43 14.55 1.79 -21.12
N ARG A 44 15.07 3.01 -20.84
CA ARG A 44 16.49 3.36 -20.93
C ARG A 44 17.30 2.65 -19.84
N GLN A 45 16.65 2.38 -18.69
CA GLN A 45 17.20 1.66 -17.53
C GLN A 45 17.30 0.16 -17.84
N GLN A 46 16.26 -0.40 -18.49
CA GLN A 46 16.18 -1.80 -18.89
C GLN A 46 17.23 -2.10 -19.97
N GLU A 47 17.45 -1.16 -20.91
CA GLU A 47 18.44 -1.29 -21.99
C GLU A 47 19.87 -1.34 -21.45
N LEU A 48 20.21 -0.44 -20.50
CA LEU A 48 21.53 -0.39 -19.88
C LEU A 48 21.83 -1.59 -18.98
N ARG A 49 20.81 -2.08 -18.23
CA ARG A 49 20.92 -3.25 -17.35
C ARG A 49 21.20 -4.53 -18.17
N ALA A 50 20.70 -4.58 -19.41
CA ALA A 50 20.90 -5.70 -20.32
C ALA A 50 22.27 -5.61 -20.99
N ARG A 51 22.68 -4.38 -21.40
CA ARG A 51 23.94 -4.06 -22.09
C ARG A 51 25.19 -4.36 -21.27
N TYR A 52 25.15 -4.17 -19.94
CA TYR A 52 26.31 -4.39 -19.07
C TYR A 52 26.13 -5.56 -18.07
N ASN A 53 25.17 -6.49 -18.36
CA ASN A 53 24.84 -7.67 -17.56
C ASN A 53 24.64 -7.33 -16.08
N LEU A 54 23.59 -6.54 -15.79
CA LEU A 54 23.28 -6.08 -14.44
C LEU A 54 21.94 -6.60 -13.93
N SER A 55 21.95 -7.19 -12.72
CA SER A 55 20.78 -7.74 -12.06
C SER A 55 20.02 -6.64 -11.28
N GLN A 56 18.90 -6.99 -10.62
CA GLN A 56 18.08 -6.07 -9.82
C GLN A 56 18.89 -5.54 -8.63
N GLY A 57 19.68 -6.41 -8.00
CA GLY A 57 20.53 -6.07 -6.88
C GLY A 57 21.78 -5.32 -7.29
N GLY A 58 22.35 -5.71 -8.45
CA GLY A 58 23.54 -5.10 -9.03
C GLY A 58 23.35 -3.64 -9.38
N TYR A 59 22.17 -3.30 -9.93
CA TYR A 59 21.78 -1.94 -10.30
C TYR A 59 21.55 -1.10 -9.05
N GLU A 60 20.81 -1.66 -8.05
CA GLU A 60 20.48 -1.03 -6.77
C GLU A 60 21.73 -0.60 -5.99
N GLU A 61 22.80 -1.45 -6.01
CA GLU A 61 24.08 -1.18 -5.36
C GLU A 61 24.78 0.01 -6.00
N LEU A 62 24.74 0.09 -7.35
CA LEU A 62 25.32 1.19 -8.12
C LEU A 62 24.47 2.46 -8.00
N GLU A 63 23.15 2.29 -7.75
CA GLU A 63 22.18 3.37 -7.58
C GLU A 63 22.48 4.20 -6.33
N ARG A 64 22.81 3.54 -5.20
CA ARG A 64 23.13 4.18 -3.92
C ARG A 64 24.38 5.06 -4.02
N VAL A 65 25.44 4.56 -4.70
CA VAL A 65 26.73 5.23 -4.89
C VAL A 65 26.59 6.51 -5.74
N VAL A 66 25.87 6.43 -6.88
CA VAL A 66 25.63 7.56 -7.79
C VAL A 66 24.88 8.69 -7.07
N LEU A 67 23.84 8.34 -6.28
CA LEU A 67 23.03 9.29 -5.52
C LEU A 67 23.82 9.95 -4.39
N ARG A 68 24.65 9.17 -3.66
CA ARG A 68 25.48 9.67 -2.56
C ARG A 68 26.66 10.53 -3.04
N LEU A 69 27.12 10.30 -4.30
CA LEU A 69 28.23 11.06 -4.90
C LEU A 69 27.79 12.38 -5.54
N LYS A 70 26.46 12.57 -5.75
CA LYS A 70 25.87 13.77 -6.35
C LYS A 70 26.32 15.08 -5.66
N PRO A 71 26.27 15.23 -4.29
CA PRO A 71 26.75 16.50 -3.68
C PRO A 71 28.26 16.70 -3.78
N HIS A 72 29.03 15.60 -3.96
CA HIS A 72 30.49 15.61 -4.09
C HIS A 72 30.94 15.95 -5.50
N LYS A 73 30.09 15.67 -6.53
CA LYS A 73 30.35 15.92 -7.95
C LYS A 73 30.71 17.38 -8.25
N ALA A 74 30.01 18.33 -7.59
CA ALA A 74 30.25 19.78 -7.71
C ALA A 74 31.59 20.22 -7.10
N GLY A 75 32.17 19.36 -6.26
CA GLY A 75 33.45 19.57 -5.58
C GLY A 75 33.31 19.73 -4.09
N VAL A 76 34.32 20.34 -3.44
CA VAL A 76 34.32 20.60 -2.00
C VAL A 76 33.31 21.72 -1.74
N GLN A 77 32.22 21.39 -1.02
CA GLN A 77 31.12 22.31 -0.70
C GLN A 77 31.17 22.77 0.76
N TRP A 78 32.19 22.36 1.54
CA TRP A 78 32.25 22.74 2.95
C TRP A 78 33.52 23.47 3.42
N ARG A 79 34.38 24.00 2.52
CA ARG A 79 35.52 24.80 2.97
C ARG A 79 35.01 26.25 3.26
N PHE A 80 35.88 27.28 3.25
CA PHE A 80 35.41 28.64 3.57
C PHE A 80 34.35 29.17 2.59
N ALA A 81 34.64 29.09 1.27
CA ALA A 81 33.72 29.56 0.23
C ALA A 81 32.39 28.79 0.24
N GLY A 82 32.46 27.47 0.43
CA GLY A 82 31.30 26.58 0.48
C GLY A 82 30.41 26.82 1.68
N SER A 83 31.03 27.03 2.86
CA SER A 83 30.34 27.29 4.13
C SER A 83 29.76 28.70 4.17
N PHE A 84 30.39 29.68 3.46
CA PHE A 84 29.90 31.06 3.38
C PHE A 84 28.66 31.10 2.48
N TYR A 85 28.70 30.36 1.35
CA TYR A 85 27.60 30.23 0.39
C TYR A 85 26.42 29.55 1.06
N PHE A 86 26.69 28.51 1.87
CA PHE A 86 25.68 27.78 2.64
C PHE A 86 25.07 28.70 3.71
N ALA A 87 25.91 29.47 4.43
CA ALA A 87 25.46 30.42 5.46
C ALA A 87 24.47 31.43 4.86
N ILE A 88 24.72 31.87 3.59
CA ILE A 88 23.83 32.77 2.85
C ILE A 88 22.45 32.10 2.68
N THR A 89 22.42 30.87 2.12
CA THR A 89 21.20 30.09 1.85
C THR A 89 20.35 29.83 3.11
N VAL A 90 20.97 29.83 4.31
CA VAL A 90 20.27 29.61 5.58
C VAL A 90 19.54 30.88 6.04
N ILE A 91 20.31 31.95 6.34
CA ILE A 91 19.81 33.23 6.86
C ILE A 91 18.88 33.98 5.87
N THR A 92 19.09 33.79 4.54
CA THR A 92 18.23 34.42 3.52
C THR A 92 17.00 33.56 3.19
N THR A 93 16.93 32.33 3.77
CA THR A 93 15.87 31.31 3.61
C THR A 93 15.76 30.76 2.17
N ILE A 94 16.82 30.93 1.33
CA ILE A 94 16.83 30.39 -0.03
C ILE A 94 16.88 28.85 0.07
N GLY A 95 17.88 28.35 0.83
CA GLY A 95 18.12 26.94 1.11
C GLY A 95 17.97 25.99 -0.07
N TYR A 96 18.92 26.06 -1.03
CA TYR A 96 18.92 25.21 -2.23
C TYR A 96 18.93 23.73 -1.88
N GLY A 97 19.75 23.37 -0.90
CA GLY A 97 19.89 21.98 -0.48
C GLY A 97 20.95 21.23 -1.27
N HIS A 98 21.76 21.97 -2.07
CA HIS A 98 22.86 21.43 -2.87
C HIS A 98 23.93 20.88 -1.89
N ALA A 99 24.06 21.58 -0.75
CA ALA A 99 24.90 21.27 0.39
C ALA A 99 24.02 21.44 1.63
N ALA A 100 23.90 20.38 2.44
CA ALA A 100 23.10 20.37 3.66
C ALA A 100 23.93 19.71 4.79
N PRO A 101 23.74 20.10 6.07
CA PRO A 101 24.56 19.51 7.14
C PRO A 101 24.39 18.00 7.26
N SER A 102 25.48 17.27 7.02
CA SER A 102 25.50 15.81 7.08
C SER A 102 25.72 15.29 8.52
N THR A 103 26.22 16.16 9.42
CA THR A 103 26.48 15.81 10.82
C THR A 103 25.39 16.35 11.74
N ASP A 104 25.20 15.66 12.89
CA ASP A 104 24.25 16.02 13.94
C ASP A 104 24.56 17.39 14.54
N GLY A 105 25.85 17.68 14.73
CA GLY A 105 26.35 18.95 15.25
C GLY A 105 26.13 20.10 14.29
N GLY A 106 26.29 19.80 13.00
CA GLY A 106 26.07 20.75 11.91
C GLY A 106 24.61 21.11 11.80
N LYS A 107 23.72 20.12 11.98
CA LYS A 107 22.26 20.29 11.95
C LYS A 107 21.77 21.13 13.11
N VAL A 108 22.37 20.93 14.31
CA VAL A 108 22.05 21.67 15.54
C VAL A 108 22.48 23.13 15.40
N PHE A 109 23.76 23.38 15.04
CA PHE A 109 24.29 24.73 14.85
C PHE A 109 23.49 25.47 13.79
N CYS A 110 23.08 24.77 12.71
CA CYS A 110 22.27 25.32 11.61
C CYS A 110 20.93 25.87 12.11
N MET A 111 20.27 25.14 13.05
CA MET A 111 18.98 25.54 13.64
C MET A 111 19.12 26.81 14.49
N PHE A 112 20.13 26.84 15.38
CA PHE A 112 20.41 28.00 16.24
C PHE A 112 20.85 29.20 15.39
N TYR A 113 21.65 28.94 14.34
CA TYR A 113 22.17 29.94 13.39
C TYR A 113 21.02 30.61 12.61
N ALA A 114 20.00 29.82 12.23
CA ALA A 114 18.82 30.30 11.50
C ALA A 114 17.89 31.10 12.44
N LEU A 115 17.68 30.60 13.68
CA LEU A 115 16.83 31.20 14.71
C LEU A 115 17.14 32.67 14.97
N LEU A 116 18.43 33.03 15.01
CA LEU A 116 18.91 34.39 15.22
C LEU A 116 19.23 35.08 13.88
N GLY A 117 19.66 34.29 12.90
CA GLY A 117 20.04 34.75 11.57
C GLY A 117 18.94 35.33 10.72
N ILE A 118 17.88 34.56 10.46
CA ILE A 118 16.72 34.97 9.65
C ILE A 118 16.13 36.33 10.15
N PRO A 119 15.85 36.55 11.47
CA PRO A 119 15.36 37.88 11.90
C PRO A 119 16.34 39.01 11.59
N LEU A 120 17.65 38.80 11.87
CA LEU A 120 18.74 39.75 11.60
C LEU A 120 18.79 40.11 10.10
N THR A 121 18.67 39.11 9.22
CA THR A 121 18.71 39.25 7.76
C THR A 121 17.48 40.00 7.23
N LEU A 122 16.27 39.67 7.76
CA LEU A 122 15.00 40.31 7.39
C LEU A 122 15.00 41.79 7.74
N VAL A 123 15.39 42.11 8.99
CA VAL A 123 15.49 43.48 9.51
C VAL A 123 16.50 44.28 8.67
N MET A 124 17.68 43.68 8.40
CA MET A 124 18.75 44.27 7.59
C MET A 124 18.27 44.61 6.17
N PHE A 125 17.55 43.67 5.52
CA PHE A 125 17.03 43.86 4.16
C PHE A 125 15.92 44.91 4.08
N GLN A 126 15.10 45.03 5.16
CA GLN A 126 14.02 46.03 5.21
C GLN A 126 14.59 47.42 5.52
N SER A 127 15.66 47.49 6.33
CA SER A 127 16.33 48.74 6.67
C SER A 127 17.08 49.29 5.45
N LEU A 128 17.90 48.44 4.79
CA LEU A 128 18.65 48.80 3.59
C LEU A 128 17.72 49.09 2.41
N GLY A 129 16.63 48.33 2.32
CA GLY A 129 15.60 48.47 1.29
C GLY A 129 14.89 49.81 1.35
N GLU A 130 14.64 50.30 2.58
CA GLU A 130 14.01 51.59 2.87
C GLU A 130 14.95 52.73 2.43
N ARG A 131 16.27 52.62 2.73
CA ARG A 131 17.28 53.62 2.37
C ARG A 131 17.40 53.77 0.86
N ILE A 132 17.26 52.66 0.11
CA ILE A 132 17.28 52.63 -1.35
C ILE A 132 16.06 53.39 -1.89
N ASN A 133 14.86 53.12 -1.32
CA ASN A 133 13.60 53.79 -1.67
C ASN A 133 13.66 55.28 -1.35
N THR A 134 14.26 55.66 -0.20
CA THR A 134 14.42 57.05 0.23
C THR A 134 15.37 57.80 -0.74
N LEU A 135 16.42 57.10 -1.24
CA LEU A 135 17.38 57.65 -2.19
C LEU A 135 16.71 57.86 -3.56
N VAL A 136 15.93 56.86 -4.02
CA VAL A 136 15.17 56.91 -5.29
C VAL A 136 14.17 58.07 -5.24
N ARG A 137 13.42 58.19 -4.12
CA ARG A 137 12.44 59.26 -3.86
C ARG A 137 13.10 60.63 -3.93
N TYR A 138 14.34 60.76 -3.41
CA TYR A 138 15.11 62.01 -3.44
C TYR A 138 15.62 62.29 -4.86
N LEU A 139 16.22 61.27 -5.53
CA LEU A 139 16.76 61.38 -6.89
C LEU A 139 15.68 61.77 -7.91
N LEU A 140 14.48 61.17 -7.80
CA LEU A 140 13.34 61.46 -8.68
C LEU A 140 12.80 62.87 -8.44
N HIS A 141 12.84 63.35 -7.18
CA HIS A 141 12.42 64.70 -6.79
C HIS A 141 13.37 65.73 -7.40
N ARG A 142 14.70 65.44 -7.33
CA ARG A 142 15.75 66.30 -7.88
C ARG A 142 15.70 66.32 -9.42
N ALA A 143 15.32 65.18 -10.04
CA ALA A 143 15.18 65.02 -11.49
C ALA A 143 13.99 65.83 -12.02
N LYS A 144 12.83 65.75 -11.33
CA LYS A 144 11.60 66.49 -11.66
C LYS A 144 11.83 68.00 -11.57
N LYS A 145 12.53 68.44 -10.51
CA LYS A 145 12.87 69.83 -10.23
C LYS A 145 13.95 70.34 -11.20
N GLY A 146 14.90 69.47 -11.54
CA GLY A 146 16.02 69.76 -12.44
C GLY A 146 15.62 69.96 -13.88
N LEU A 147 14.86 69.00 -14.44
CA LEU A 147 14.37 69.03 -15.83
C LEU A 147 13.40 70.19 -16.08
N GLY A 148 12.48 70.41 -15.14
CA GLY A 148 11.48 71.48 -15.21
C GLY A 148 10.07 70.98 -15.11
N ALA A 152 6.93 68.79 -8.48
CA ALA A 152 8.13 67.97 -8.23
C ALA A 152 7.88 66.83 -7.24
N ASP A 153 6.63 66.71 -6.73
CA ASP A 153 6.21 65.68 -5.77
C ASP A 153 6.29 64.27 -6.36
N VAL A 154 6.92 63.34 -5.62
CA VAL A 154 7.09 61.93 -6.00
C VAL A 154 5.91 61.13 -5.42
N SER A 155 5.11 60.53 -6.32
CA SER A 155 3.94 59.74 -5.94
C SER A 155 4.27 58.28 -5.72
N MET A 156 3.31 57.54 -5.13
CA MET A 156 3.40 56.10 -4.86
C MET A 156 3.48 55.32 -6.19
N ALA A 157 2.66 55.72 -7.18
CA ALA A 157 2.60 55.13 -8.51
C ALA A 157 3.95 55.20 -9.24
N ASN A 158 4.68 56.35 -9.10
CA ASN A 158 6.01 56.56 -9.67
C ASN A 158 7.02 55.62 -9.02
N MET A 159 6.88 55.38 -7.71
CA MET A 159 7.74 54.50 -6.93
C MET A 159 7.56 53.02 -7.27
N VAL A 160 6.28 52.58 -7.48
CA VAL A 160 5.93 51.20 -7.86
C VAL A 160 6.49 50.90 -9.26
N LEU A 161 6.43 51.90 -10.17
CA LEU A 161 6.96 51.80 -11.53
C LEU A 161 8.47 51.58 -11.51
N ILE A 162 9.24 52.46 -10.83
CA ILE A 162 10.69 52.34 -10.69
C ILE A 162 11.05 51.02 -10.00
N GLY A 163 10.29 50.66 -8.96
CA GLY A 163 10.44 49.43 -8.21
C GLY A 163 10.31 48.18 -9.07
N PHE A 164 9.21 48.08 -9.84
CA PHE A 164 8.95 46.94 -10.73
C PHE A 164 10.02 46.81 -11.80
N PHE A 165 10.45 47.94 -12.40
CA PHE A 165 11.52 47.95 -13.39
C PHE A 165 12.88 47.61 -12.79
N SER A 166 13.15 48.02 -11.54
CA SER A 166 14.40 47.71 -10.83
C SER A 166 14.54 46.20 -10.68
N CYS A 167 13.40 45.51 -10.38
CA CYS A 167 13.32 44.06 -10.22
C CYS A 167 13.59 43.33 -11.54
N ILE A 168 12.96 43.77 -12.65
CA ILE A 168 13.16 43.20 -13.99
C ILE A 168 14.64 43.35 -14.40
N SER A 169 15.23 44.53 -14.12
CA SER A 169 16.61 44.88 -14.41
C SER A 169 17.59 43.96 -13.72
N THR A 170 17.39 43.68 -12.41
CA THR A 170 18.26 42.80 -11.63
C THR A 170 18.13 41.34 -12.09
N LEU A 171 16.90 40.87 -12.41
CA LEU A 171 16.70 39.50 -12.92
C LEU A 171 17.40 39.34 -14.26
N CYS A 172 17.24 40.33 -15.18
CA CYS A 172 17.82 40.33 -16.53
C CYS A 172 19.35 40.49 -16.54
N ILE A 173 19.93 41.37 -15.66
CA ILE A 173 21.38 41.55 -15.52
C ILE A 173 21.97 40.23 -15.04
N GLY A 174 21.35 39.65 -14.01
CA GLY A 174 21.74 38.36 -13.44
C GLY A 174 21.68 37.25 -14.46
N ALA A 175 20.52 37.13 -15.14
CA ALA A 175 20.27 36.14 -16.18
C ALA A 175 21.38 36.16 -17.23
N ALA A 176 21.76 37.36 -17.73
CA ALA A 176 22.82 37.57 -18.72
C ALA A 176 24.17 37.01 -18.25
N ALA A 177 24.56 37.32 -17.00
CA ALA A 177 25.82 36.87 -16.42
C ALA A 177 25.83 35.39 -16.02
N PHE A 178 24.71 34.85 -15.51
CA PHE A 178 24.63 33.44 -15.12
C PHE A 178 24.51 32.50 -16.34
N SER A 179 23.94 33.00 -17.46
CA SER A 179 23.84 32.26 -18.71
C SER A 179 25.22 32.20 -19.38
N HIS A 180 26.15 33.07 -18.95
CA HIS A 180 27.51 33.15 -19.44
C HIS A 180 28.46 32.21 -18.69
N TYR A 181 28.51 32.33 -17.36
CA TYR A 181 29.41 31.55 -16.51
C TYR A 181 28.93 30.13 -16.25
N GLU A 182 27.62 29.93 -16.01
CA GLU A 182 27.05 28.60 -15.74
C GLU A 182 26.68 27.85 -17.05
N HIS A 183 26.86 28.50 -18.22
CA HIS A 183 26.54 27.99 -19.56
C HIS A 183 25.09 27.45 -19.65
N TRP A 184 24.13 28.25 -19.16
CA TRP A 184 22.69 27.96 -19.17
C TRP A 184 22.06 28.85 -20.24
N THR A 185 20.81 28.57 -20.64
CA THR A 185 20.11 29.43 -21.59
C THR A 185 19.65 30.67 -20.82
N PHE A 186 19.33 31.80 -21.50
CA PHE A 186 18.87 33.01 -20.82
C PHE A 186 17.62 32.73 -20.00
N PHE A 187 16.71 31.89 -20.55
CA PHE A 187 15.47 31.49 -19.87
C PHE A 187 15.77 30.71 -18.57
N GLN A 188 16.71 29.73 -18.62
CA GLN A 188 17.12 28.90 -17.48
C GLN A 188 17.76 29.76 -16.38
N ALA A 189 18.67 30.67 -16.79
CA ALA A 189 19.36 31.61 -15.91
C ALA A 189 18.40 32.66 -15.31
N TYR A 190 17.34 33.05 -16.06
CA TYR A 190 16.31 33.98 -15.62
C TYR A 190 15.44 33.29 -14.58
N TYR A 191 15.07 32.01 -14.84
CA TYR A 191 14.26 31.18 -13.96
C TYR A 191 15.02 30.95 -12.64
N TYR A 192 16.36 30.73 -12.73
CA TYR A 192 17.24 30.56 -11.57
C TYR A 192 17.22 31.83 -10.72
N CYS A 193 17.41 33.00 -11.36
CA CYS A 193 17.43 34.30 -10.71
C CYS A 193 16.10 34.64 -10.05
N PHE A 194 14.97 34.23 -10.68
CA PHE A 194 13.66 34.46 -10.11
C PHE A 194 13.47 33.62 -8.83
N ILE A 195 13.71 32.30 -8.92
CA ILE A 195 13.59 31.32 -7.82
C ILE A 195 14.56 31.64 -6.66
N THR A 196 15.75 32.22 -6.96
CA THR A 196 16.72 32.62 -5.93
C THR A 196 16.26 33.86 -5.16
N LEU A 197 15.98 34.97 -5.88
CA LEU A 197 15.60 36.26 -5.31
C LEU A 197 14.20 36.28 -4.68
N THR A 198 13.39 35.22 -4.85
CA THR A 198 12.08 35.10 -4.21
C THR A 198 12.19 34.17 -2.99
N THR A 199 13.44 33.75 -2.66
CA THR A 199 13.83 32.85 -1.56
C THR A 199 13.18 31.46 -1.66
N ILE A 200 12.69 31.08 -2.86
CA ILE A 200 12.07 29.76 -3.09
C ILE A 200 13.20 28.72 -3.04
N GLY A 201 14.22 28.92 -3.90
CA GLY A 201 15.41 28.08 -3.99
C GLY A 201 15.17 26.60 -4.04
N PHE A 202 14.59 26.10 -5.15
CA PHE A 202 14.33 24.67 -5.35
C PHE A 202 15.63 23.87 -5.28
N GLY A 203 16.68 24.38 -5.94
CA GLY A 203 17.99 23.75 -5.99
C GLY A 203 18.25 23.02 -7.29
N ASP A 204 17.28 23.10 -8.23
CA ASP A 204 17.36 22.49 -9.56
C ASP A 204 18.42 23.21 -10.42
N TYR A 205 18.66 24.49 -10.09
CA TYR A 205 19.65 25.36 -10.67
C TYR A 205 20.38 26.03 -9.50
N VAL A 206 21.70 25.81 -9.40
CA VAL A 206 22.55 26.37 -8.33
C VAL A 206 23.84 26.88 -8.99
N ALA A 207 24.23 28.13 -8.66
CA ALA A 207 25.47 28.74 -9.13
C ALA A 207 26.64 28.22 -8.29
N LEU A 208 27.87 28.31 -8.85
CA LEU A 208 29.15 27.89 -8.24
C LEU A 208 29.28 26.35 -8.08
N GLN A 209 28.67 25.58 -9.00
CA GLN A 209 28.73 24.11 -8.94
C GLN A 209 29.56 23.49 -10.06
N LYS A 210 29.60 24.15 -11.23
CA LYS A 210 30.36 23.68 -12.39
C LYS A 210 31.85 24.05 -12.31
N ASP A 211 32.71 23.13 -12.79
CA ASP A 211 34.17 23.24 -12.89
C ASP A 211 34.88 23.68 -11.58
N GLN A 212 34.39 23.19 -10.41
CA GLN A 212 34.94 23.48 -9.07
C GLN A 212 35.13 24.98 -8.81
N ALA A 213 34.11 25.78 -9.17
CA ALA A 213 34.07 27.23 -9.07
C ALA A 213 34.34 27.78 -7.67
N LEU A 214 33.84 27.10 -6.60
CA LEU A 214 34.02 27.52 -5.20
C LEU A 214 35.50 27.60 -4.79
N GLN A 215 36.33 26.72 -5.37
CA GLN A 215 37.75 26.62 -5.06
C GLN A 215 38.63 27.35 -6.09
N THR A 216 38.36 27.17 -7.40
CA THR A 216 39.17 27.69 -8.50
C THR A 216 38.77 29.09 -9.08
N GLN A 217 37.51 29.55 -8.87
CA GLN A 217 37.03 30.84 -9.43
C GLN A 217 36.70 31.91 -8.35
N PRO A 218 37.70 32.65 -7.80
CA PRO A 218 37.40 33.65 -6.75
C PRO A 218 36.57 34.86 -7.21
N GLN A 219 36.84 35.38 -8.42
CA GLN A 219 36.15 36.52 -9.03
C GLN A 219 34.63 36.26 -9.15
N TYR A 220 34.26 35.10 -9.72
CA TYR A 220 32.88 34.67 -9.94
C TYR A 220 32.13 34.36 -8.62
N VAL A 221 32.82 33.74 -7.63
CA VAL A 221 32.23 33.47 -6.31
C VAL A 221 31.87 34.79 -5.64
N ALA A 222 32.74 35.82 -5.78
CA ALA A 222 32.55 37.17 -5.26
C ALA A 222 31.35 37.84 -5.95
N PHE A 223 31.16 37.61 -7.27
CA PHE A 223 30.04 38.17 -8.01
C PHE A 223 28.70 37.57 -7.57
N SER A 224 28.61 36.22 -7.52
CA SER A 224 27.41 35.49 -7.10
C SER A 224 26.96 35.87 -5.69
N PHE A 225 27.93 36.14 -4.78
CA PHE A 225 27.66 36.57 -3.41
C PHE A 225 27.09 37.99 -3.40
N VAL A 226 27.67 38.89 -4.20
CA VAL A 226 27.24 40.28 -4.33
C VAL A 226 25.84 40.35 -4.97
N TYR A 227 25.59 39.59 -6.07
CA TYR A 227 24.29 39.56 -6.76
C TYR A 227 23.15 39.07 -5.88
N ILE A 228 23.36 37.95 -5.15
CA ILE A 228 22.33 37.37 -4.29
C ILE A 228 21.91 38.38 -3.23
N LEU A 229 22.89 39.00 -2.53
CA LEU A 229 22.65 39.98 -1.48
C LEU A 229 22.09 41.30 -1.99
N THR A 230 22.60 41.85 -3.12
CA THR A 230 22.07 43.10 -3.67
C THR A 230 20.69 42.89 -4.28
N GLY A 231 20.51 41.77 -5.00
CA GLY A 231 19.27 41.38 -5.64
C GLY A 231 18.12 41.22 -4.66
N LEU A 232 18.41 40.62 -3.49
CA LEU A 232 17.44 40.42 -2.42
C LEU A 232 17.04 41.74 -1.78
N THR A 233 17.93 42.76 -1.82
CA THR A 233 17.65 44.09 -1.30
C THR A 233 16.66 44.81 -2.23
N VAL A 234 16.80 44.59 -3.57
CA VAL A 234 15.93 45.17 -4.60
C VAL A 234 14.51 44.59 -4.45
N ILE A 235 14.39 43.25 -4.28
CA ILE A 235 13.13 42.54 -4.05
C ILE A 235 12.56 42.96 -2.69
N GLY A 236 13.44 43.05 -1.68
CA GLY A 236 13.09 43.49 -0.33
C GLY A 236 12.51 44.88 -0.29
N ALA A 237 13.10 45.82 -1.06
CA ALA A 237 12.66 47.21 -1.17
C ALA A 237 11.28 47.29 -1.84
N PHE A 238 11.02 46.40 -2.83
CA PHE A 238 9.74 46.34 -3.56
C PHE A 238 8.62 45.81 -2.67
N LEU A 239 8.92 44.81 -1.82
CA LEU A 239 7.95 44.26 -0.86
C LEU A 239 7.65 45.32 0.21
N ASN A 240 8.71 46.04 0.67
CA ASN A 240 8.65 47.10 1.67
C ASN A 240 7.72 48.22 1.23
N LEU A 241 7.68 48.46 -0.09
CA LEU A 241 6.87 49.50 -0.71
C LEU A 241 5.43 49.05 -1.02
N VAL A 242 5.26 47.84 -1.58
CA VAL A 242 3.97 47.31 -2.05
C VAL A 242 3.23 46.45 -1.00
N VAL A 243 3.91 45.45 -0.43
CA VAL A 243 3.37 44.42 0.44
C VAL A 243 3.37 44.74 1.96
N LEU A 244 4.50 45.25 2.53
CA LEU A 244 4.66 45.53 3.97
C LEU A 244 3.54 46.40 4.59
N ARG A 245 2.99 47.36 3.83
CA ARG A 245 1.91 48.25 4.31
C ARG A 245 0.63 47.49 4.69
N PHE A 246 0.28 46.43 3.93
CA PHE A 246 -0.92 45.59 4.16
C PHE A 246 -0.80 44.67 5.37
N MET A 247 0.42 44.39 5.83
CA MET A 247 0.67 43.50 6.97
C MET A 247 0.35 44.17 8.31
N THR A 248 0.67 45.47 8.42
CA THR A 248 0.43 46.29 9.62
C THR A 248 -1.03 46.74 9.73
N MET A 249 -1.77 46.71 8.60
CA MET A 249 -3.18 47.08 8.42
C MET A 249 -4.13 46.39 9.41
N ASN A 250 -3.91 45.08 9.67
CA ASN A 250 -4.72 44.27 10.59
C ASN A 250 -4.63 44.78 12.05
N ALA A 251 -3.43 45.27 12.44
CA ALA A 251 -3.15 45.82 13.76
C ALA A 251 -3.68 47.25 13.86
N GLU A 252 -3.67 48.00 12.74
CA GLU A 252 -4.17 49.39 12.65
C GLU A 252 -5.67 49.47 12.91
N ASP A 253 -6.44 48.50 12.37
CA ASP A 253 -7.89 48.40 12.54
C ASP A 253 -8.28 48.07 13.98
N GLU A 254 -7.47 47.21 14.65
CA GLU A 254 -7.66 46.82 16.06
C GLU A 254 -7.29 48.01 16.96
N LYS A 255 -6.28 48.82 16.55
CA LYS A 255 -5.84 50.03 17.24
C LYS A 255 -6.95 51.08 17.15
N ARG A 256 -7.62 51.15 15.99
CA ARG A 256 -8.74 52.06 15.70
C ARG A 256 -9.97 51.72 16.54
N ASP A 257 -10.17 50.42 16.86
CA ASP A 257 -11.30 49.93 17.66
C ASP A 257 -11.21 50.42 19.11
N MET B 1 26.04 61.48 11.43
CA MET B 1 25.18 60.54 10.71
C MET B 1 23.79 60.42 11.33
N LYS B 2 22.76 60.24 10.47
CA LYS B 2 21.37 60.06 10.86
C LYS B 2 21.19 58.70 11.56
N ARG B 3 20.21 58.60 12.49
CA ARG B 3 19.89 57.37 13.24
C ARG B 3 19.60 56.17 12.32
N GLN B 4 18.89 56.41 11.19
CA GLN B 4 18.54 55.41 10.18
C GLN B 4 19.80 54.89 9.51
N ASN B 5 20.73 55.80 9.15
CA ASN B 5 22.00 55.50 8.49
C ASN B 5 22.96 54.71 9.38
N VAL B 6 22.97 55.00 10.70
CA VAL B 6 23.79 54.30 11.69
C VAL B 6 23.23 52.87 11.87
N ARG B 7 21.88 52.76 12.05
CA ARG B 7 21.14 51.50 12.22
C ARG B 7 21.33 50.56 11.04
N THR B 8 21.21 51.08 9.80
CA THR B 8 21.36 50.31 8.55
C THR B 8 22.79 49.79 8.40
N LEU B 9 23.82 50.66 8.61
CA LEU B 9 25.23 50.26 8.55
C LEU B 9 25.61 49.23 9.61
N ALA B 10 25.08 49.39 10.85
CA ALA B 10 25.30 48.47 11.96
C ALA B 10 24.77 47.08 11.59
N LEU B 11 23.56 47.02 11.00
CA LEU B 11 22.92 45.78 10.55
C LEU B 11 23.71 45.08 9.46
N ILE B 12 24.27 45.85 8.49
CA ILE B 12 25.10 45.35 7.38
C ILE B 12 26.38 44.73 7.96
N VAL B 13 27.06 45.45 8.86
CA VAL B 13 28.27 44.98 9.55
C VAL B 13 27.96 43.72 10.39
N CYS B 14 26.80 43.71 11.08
CA CYS B 14 26.31 42.58 11.89
C CYS B 14 26.10 41.33 11.02
N THR B 15 25.34 41.46 9.91
CA THR B 15 25.04 40.37 8.97
C THR B 15 26.30 39.78 8.35
N PHE B 16 27.24 40.64 7.89
CA PHE B 16 28.48 40.19 7.28
C PHE B 16 29.41 39.48 8.27
N THR B 17 29.46 39.94 9.54
CA THR B 17 30.26 39.29 10.57
C THR B 17 29.60 37.96 10.98
N TYR B 18 28.25 37.92 11.01
CA TYR B 18 27.45 36.73 11.31
C TYR B 18 27.69 35.65 10.25
N LEU B 19 27.90 36.08 8.99
CA LEU B 19 28.19 35.21 7.86
C LEU B 19 29.59 34.61 7.99
N LEU B 20 30.60 35.45 8.34
CA LEU B 20 31.99 35.03 8.52
C LEU B 20 32.11 34.03 9.67
N VAL B 21 31.42 34.31 10.80
CA VAL B 21 31.38 33.46 12.00
C VAL B 21 30.71 32.11 11.65
N GLY B 22 29.58 32.18 10.95
CA GLY B 22 28.84 31.01 10.48
C GLY B 22 29.69 30.13 9.58
N ALA B 23 30.32 30.75 8.55
CA ALA B 23 31.23 30.09 7.61
C ALA B 23 32.39 29.39 8.34
N ALA B 24 32.92 30.04 9.40
CA ALA B 24 34.01 29.50 10.21
C ALA B 24 33.57 28.26 10.99
N VAL B 25 32.35 28.31 11.60
CA VAL B 25 31.81 27.19 12.39
C VAL B 25 31.39 26.02 11.48
N PHE B 26 30.68 26.30 10.35
CA PHE B 26 30.26 25.27 9.39
C PHE B 26 31.45 24.55 8.75
N ASP B 27 32.59 25.24 8.64
CA ASP B 27 33.85 24.69 8.13
C ASP B 27 34.35 23.67 9.16
N ALA B 28 34.48 24.08 10.44
CA ALA B 28 34.93 23.26 11.57
C ALA B 28 34.08 22.02 11.82
N LEU B 29 32.78 22.09 11.52
CA LEU B 29 31.85 20.98 11.73
C LEU B 29 31.65 20.05 10.53
N GLU B 30 31.79 20.55 9.29
CA GLU B 30 31.51 19.75 8.10
C GLU B 30 32.66 19.47 7.13
N SER B 31 33.78 20.22 7.18
CA SER B 31 34.90 20.04 6.24
C SER B 31 35.51 18.64 6.24
N GLU B 32 36.07 18.19 7.39
CA GLU B 32 36.70 16.86 7.52
C GLU B 32 35.70 15.71 7.32
N PRO B 33 34.47 15.71 7.93
CA PRO B 33 33.52 14.60 7.66
C PRO B 33 33.24 14.40 6.16
N GLU B 34 33.10 15.51 5.39
CA GLU B 34 32.84 15.52 3.95
C GLU B 34 34.00 14.89 3.16
N LEU B 35 35.25 15.24 3.53
CA LEU B 35 36.45 14.69 2.88
C LEU B 35 36.52 13.17 3.11
N ILE B 36 36.22 12.74 4.37
CA ILE B 36 36.16 11.36 4.82
C ILE B 36 35.10 10.58 4.00
N GLU B 37 33.90 11.17 3.83
CA GLU B 37 32.82 10.58 3.05
C GLU B 37 33.13 10.51 1.55
N ARG B 38 33.72 11.59 0.98
CA ARG B 38 34.08 11.66 -0.44
C ARG B 38 35.08 10.57 -0.77
N GLN B 39 36.12 10.40 0.08
CA GLN B 39 37.14 9.38 -0.06
C GLN B 39 36.51 7.98 -0.03
N ARG B 40 35.66 7.71 0.99
CA ARG B 40 34.93 6.46 1.21
C ARG B 40 34.05 6.13 -0.01
N LEU B 41 33.38 7.14 -0.57
CA LEU B 41 32.53 6.93 -1.74
C LEU B 41 33.35 6.73 -3.01
N GLU B 42 34.53 7.42 -3.13
CA GLU B 42 35.43 7.30 -4.28
C GLU B 42 36.00 5.89 -4.40
N LEU B 43 36.22 5.23 -3.25
CA LEU B 43 36.71 3.86 -3.20
C LEU B 43 35.59 2.89 -3.61
N ARG B 44 34.37 3.04 -3.03
CA ARG B 44 33.20 2.20 -3.32
C ARG B 44 32.83 2.21 -4.82
N GLN B 45 32.88 3.39 -5.45
CA GLN B 45 32.61 3.61 -6.86
C GLN B 45 33.53 2.73 -7.73
N GLN B 46 34.83 2.73 -7.41
CA GLN B 46 35.87 1.95 -8.07
C GLN B 46 35.66 0.45 -7.87
N GLU B 47 35.25 0.04 -6.66
CA GLU B 47 34.98 -1.35 -6.28
C GLU B 47 33.82 -1.94 -7.09
N LEU B 48 32.69 -1.21 -7.18
CA LEU B 48 31.51 -1.67 -7.92
C LEU B 48 31.70 -1.64 -9.45
N ARG B 49 32.48 -0.67 -9.97
CA ARG B 49 32.82 -0.58 -11.39
C ARG B 49 33.61 -1.82 -11.82
N ALA B 50 34.49 -2.32 -10.92
CA ALA B 50 35.32 -3.51 -11.14
C ALA B 50 34.49 -4.78 -11.06
N ARG B 51 33.55 -4.85 -10.07
CA ARG B 51 32.68 -6.00 -9.85
C ARG B 51 31.77 -6.34 -11.02
N TYR B 52 31.21 -5.31 -11.68
CA TYR B 52 30.25 -5.52 -12.76
C TYR B 52 30.79 -5.17 -14.15
N ASN B 53 32.15 -5.15 -14.29
CA ASN B 53 32.88 -4.84 -15.53
C ASN B 53 32.36 -3.56 -16.22
N LEU B 54 32.55 -2.43 -15.56
CA LEU B 54 32.10 -1.11 -16.00
C LEU B 54 33.26 -0.15 -16.27
N SER B 55 33.26 0.44 -17.48
CA SER B 55 34.26 1.42 -17.92
C SER B 55 33.87 2.84 -17.44
N GLN B 56 34.71 3.85 -17.78
CA GLN B 56 34.47 5.26 -17.43
C GLN B 56 33.20 5.78 -18.11
N GLY B 57 32.99 5.38 -19.37
CA GLY B 57 31.81 5.74 -20.16
C GLY B 57 30.57 4.97 -19.76
N GLY B 58 30.77 3.69 -19.42
CA GLY B 58 29.71 2.78 -18.99
C GLY B 58 29.05 3.22 -17.70
N TYR B 59 29.86 3.72 -16.74
CA TYR B 59 29.40 4.24 -15.45
C TYR B 59 28.65 5.55 -15.65
N GLU B 60 29.22 6.47 -16.47
CA GLU B 60 28.65 7.77 -16.80
C GLU B 60 27.25 7.68 -17.41
N GLU B 61 27.02 6.67 -18.28
CA GLU B 61 25.72 6.39 -18.92
C GLU B 61 24.68 5.97 -17.87
N LEU B 62 25.10 5.12 -16.91
CA LEU B 62 24.25 4.64 -15.80
C LEU B 62 24.04 5.76 -14.77
N GLU B 63 25.00 6.70 -14.67
CA GLU B 63 24.97 7.84 -13.76
C GLU B 63 23.82 8.80 -14.11
N ARG B 64 23.62 9.08 -15.41
CA ARG B 64 22.57 9.97 -15.92
C ARG B 64 21.17 9.43 -15.61
N VAL B 65 20.95 8.11 -15.80
CA VAL B 65 19.68 7.41 -15.58
C VAL B 65 19.27 7.42 -14.10
N VAL B 66 20.21 7.08 -13.19
CA VAL B 66 19.99 7.05 -11.73
C VAL B 66 19.57 8.44 -11.21
N LEU B 67 20.26 9.50 -11.68
CA LEU B 67 20.00 10.88 -11.30
C LEU B 67 18.64 11.39 -11.82
N ARG B 68 18.30 11.05 -13.09
CA ARG B 68 17.04 11.43 -13.72
C ARG B 68 15.83 10.66 -13.14
N LEU B 69 16.06 9.46 -12.60
CA LEU B 69 15.01 8.62 -11.99
C LEU B 69 14.70 9.00 -10.53
N LYS B 70 15.60 9.79 -9.88
CA LYS B 70 15.46 10.24 -8.50
C LYS B 70 14.08 10.90 -8.19
N PRO B 71 13.57 11.89 -8.99
CA PRO B 71 12.25 12.46 -8.67
C PRO B 71 11.07 11.49 -8.90
N HIS B 72 11.29 10.46 -9.75
CA HIS B 72 10.29 9.44 -10.07
C HIS B 72 10.22 8.35 -8.99
N LYS B 73 11.35 8.11 -8.26
CA LYS B 73 11.49 7.10 -7.20
C LYS B 73 10.43 7.21 -6.12
N ALA B 74 10.07 8.45 -5.72
CA ALA B 74 9.05 8.75 -4.71
C ALA B 74 7.61 8.40 -5.18
N GLY B 75 7.43 8.30 -6.50
CA GLY B 75 6.16 7.98 -7.14
C GLY B 75 5.69 9.11 -8.05
N VAL B 76 4.36 9.22 -8.23
CA VAL B 76 3.74 10.29 -9.03
C VAL B 76 3.76 11.57 -8.17
N GLN B 77 4.51 12.57 -8.63
CA GLN B 77 4.70 13.84 -7.94
C GLN B 77 3.87 14.98 -8.55
N TRP B 78 3.18 14.72 -9.67
CA TRP B 78 2.47 15.79 -10.37
C TRP B 78 0.96 15.61 -10.57
N ARG B 79 0.29 14.71 -9.82
CA ARG B 79 -1.17 14.63 -9.94
C ARG B 79 -1.82 15.74 -9.07
N PHE B 80 -3.09 15.62 -8.62
CA PHE B 80 -3.69 16.69 -7.81
C PHE B 80 -2.96 16.92 -6.48
N ALA B 81 -2.79 15.88 -5.65
CA ALA B 81 -2.13 15.97 -4.33
C ALA B 81 -0.70 16.52 -4.43
N GLY B 82 0.07 15.98 -5.38
CA GLY B 82 1.47 16.34 -5.66
C GLY B 82 1.64 17.75 -6.17
N SER B 83 0.68 18.21 -7.00
CA SER B 83 0.67 19.58 -7.54
C SER B 83 0.25 20.57 -6.45
N PHE B 84 -0.66 20.16 -5.55
CA PHE B 84 -1.14 20.96 -4.42
C PHE B 84 0.01 21.16 -3.42
N TYR B 85 0.77 20.07 -3.15
CA TYR B 85 1.95 20.07 -2.28
C TYR B 85 3.00 21.01 -2.87
N PHE B 86 3.24 20.91 -4.20
CA PHE B 86 4.19 21.77 -4.92
C PHE B 86 3.74 23.23 -4.87
N ALA B 87 2.43 23.49 -5.08
CA ALA B 87 1.86 24.85 -5.03
C ALA B 87 2.12 25.47 -3.66
N ILE B 88 2.07 24.65 -2.56
CA ILE B 88 2.36 25.09 -1.19
C ILE B 88 3.83 25.56 -1.13
N THR B 89 4.79 24.71 -1.55
CA THR B 89 6.23 24.98 -1.54
C THR B 89 6.62 26.25 -2.32
N VAL B 90 5.83 26.65 -3.34
CA VAL B 90 6.09 27.85 -4.15
C VAL B 90 5.67 29.13 -3.39
N ILE B 91 4.37 29.28 -3.12
CA ILE B 91 3.77 30.45 -2.48
C ILE B 91 4.28 30.67 -1.03
N THR B 92 4.63 29.59 -0.30
CA THR B 92 5.15 29.70 1.07
C THR B 92 6.68 29.91 1.08
N THR B 93 7.33 29.86 -0.10
CA THR B 93 8.77 30.01 -0.36
C THR B 93 9.63 28.89 0.29
N ILE B 94 9.01 27.74 0.65
CA ILE B 94 9.75 26.60 1.23
C ILE B 94 10.64 26.01 0.12
N GLY B 95 10.01 25.68 -1.02
CA GLY B 95 10.64 25.14 -2.22
C GLY B 95 11.68 24.07 -2.00
N TYR B 96 11.26 22.86 -1.58
CA TYR B 96 12.14 21.73 -1.32
C TYR B 96 12.96 21.35 -2.56
N GLY B 97 12.30 21.35 -3.73
CA GLY B 97 12.91 20.99 -4.99
C GLY B 97 12.85 19.50 -5.27
N HIS B 98 12.06 18.75 -4.45
CA HIS B 98 11.84 17.31 -4.61
C HIS B 98 11.10 17.07 -5.95
N ALA B 99 10.23 18.02 -6.28
CA ALA B 99 9.46 18.14 -7.52
C ALA B 99 9.62 19.59 -7.99
N ALA B 100 10.11 19.75 -9.23
CA ALA B 100 10.34 21.05 -9.85
C ALA B 100 9.80 20.99 -11.30
N PRO B 101 9.31 22.12 -11.87
CA PRO B 101 8.76 22.07 -13.23
C PRO B 101 9.76 21.61 -14.27
N SER B 102 9.46 20.47 -14.92
CA SER B 102 10.32 19.88 -15.95
C SER B 102 10.09 20.50 -17.34
N THR B 103 8.94 21.17 -17.54
CA THR B 103 8.59 21.83 -18.80
C THR B 103 8.79 23.33 -18.74
N ASP B 104 9.06 23.94 -19.91
CA ASP B 104 9.24 25.39 -20.08
C ASP B 104 7.97 26.16 -19.69
N GLY B 105 6.80 25.62 -20.03
CA GLY B 105 5.50 26.18 -19.69
C GLY B 105 5.22 26.13 -18.20
N GLY B 106 5.66 25.05 -17.56
CA GLY B 106 5.53 24.84 -16.13
C GLY B 106 6.39 25.83 -15.37
N LYS B 107 7.62 26.08 -15.88
CA LYS B 107 8.58 27.04 -15.31
C LYS B 107 8.06 28.47 -15.40
N VAL B 108 7.41 28.82 -16.53
CA VAL B 108 6.81 30.15 -16.79
C VAL B 108 5.63 30.38 -15.83
N PHE B 109 4.66 29.44 -15.80
CA PHE B 109 3.49 29.55 -14.93
C PHE B 109 3.92 29.64 -13.47
N CYS B 110 4.95 28.87 -13.06
CA CYS B 110 5.49 28.90 -11.69
C CYS B 110 5.94 30.32 -11.32
N MET B 111 6.67 31.00 -12.23
CA MET B 111 7.17 32.36 -12.00
C MET B 111 6.04 33.38 -11.78
N PHE B 112 5.01 33.36 -12.67
CA PHE B 112 3.83 34.22 -12.57
C PHE B 112 3.00 33.88 -11.31
N TYR B 113 2.90 32.56 -11.00
CA TYR B 113 2.18 32.01 -9.84
C TYR B 113 2.81 32.48 -8.53
N ALA B 114 4.15 32.54 -8.48
CA ALA B 114 4.92 32.99 -7.32
C ALA B 114 4.84 34.51 -7.15
N LEU B 115 4.94 35.27 -8.27
CA LEU B 115 4.88 36.74 -8.32
C LEU B 115 3.67 37.32 -7.59
N LEU B 116 2.49 36.69 -7.76
CA LEU B 116 1.23 37.09 -7.13
C LEU B 116 0.96 36.27 -5.85
N GLY B 117 1.40 35.01 -5.84
CA GLY B 117 1.22 34.08 -4.74
C GLY B 117 1.92 34.42 -3.44
N ILE B 118 3.26 34.61 -3.48
CA ILE B 118 4.10 34.94 -2.32
C ILE B 118 3.55 36.19 -1.57
N PRO B 119 3.22 37.33 -2.23
CA PRO B 119 2.63 38.46 -1.48
C PRO B 119 1.32 38.09 -0.79
N LEU B 120 0.40 37.40 -1.51
CA LEU B 120 -0.89 36.93 -1.01
C LEU B 120 -0.71 36.04 0.24
N THR B 121 0.26 35.10 0.19
CA THR B 121 0.57 34.16 1.28
C THR B 121 1.16 34.87 2.50
N LEU B 122 2.09 35.82 2.28
CA LEU B 122 2.75 36.62 3.33
C LEU B 122 1.73 37.46 4.09
N VAL B 123 0.89 38.19 3.34
CA VAL B 123 -0.18 39.04 3.88
C VAL B 123 -1.17 38.18 4.68
N MET B 124 -1.58 37.03 4.11
CA MET B 124 -2.50 36.07 4.74
C MET B 124 -1.94 35.55 6.07
N PHE B 125 -0.65 35.18 6.11
CA PHE B 125 0.00 34.68 7.33
C PHE B 125 0.17 35.74 8.40
N GLN B 126 0.40 37.01 8.00
CA GLN B 126 0.53 38.11 8.96
C GLN B 126 -0.83 38.54 9.50
N SER B 127 -1.88 38.46 8.67
CA SER B 127 -3.25 38.78 9.04
C SER B 127 -3.80 37.72 10.01
N LEU B 128 -3.66 36.42 9.66
CA LEU B 128 -4.10 35.29 10.50
C LEU B 128 -3.27 35.20 11.78
N GLY B 129 -1.98 35.50 11.67
CA GLY B 129 -1.04 35.53 12.80
C GLY B 129 -1.41 36.54 13.86
N GLU B 130 -1.87 37.73 13.40
CA GLU B 130 -2.32 38.84 14.25
C GLU B 130 -3.59 38.42 15.00
N ARG B 131 -4.56 37.76 14.31
CA ARG B 131 -5.83 37.30 14.89
C ARG B 131 -5.60 36.28 15.99
N ILE B 132 -4.57 35.41 15.83
CA ILE B 132 -4.17 34.41 16.82
C ILE B 132 -3.62 35.12 18.08
N ASN B 133 -2.74 36.13 17.87
CA ASN B 133 -2.16 36.94 18.94
C ASN B 133 -3.24 37.74 19.67
N THR B 134 -4.23 38.29 18.94
CA THR B 134 -5.37 39.04 19.50
C THR B 134 -6.25 38.12 20.35
N LEU B 135 -6.43 36.85 19.91
CA LEU B 135 -7.20 35.84 20.63
C LEU B 135 -6.49 35.44 21.92
N VAL B 136 -5.16 35.19 21.85
CA VAL B 136 -4.30 34.83 22.98
C VAL B 136 -4.32 35.98 24.03
N ARG B 137 -4.17 37.24 23.55
CA ARG B 137 -4.20 38.45 24.36
C ARG B 137 -5.54 38.58 25.11
N TYR B 138 -6.66 38.21 24.44
CA TYR B 138 -8.00 38.23 25.04
C TYR B 138 -8.17 37.09 26.05
N LEU B 139 -7.76 35.86 25.66
CA LEU B 139 -7.85 34.66 26.51
C LEU B 139 -7.05 34.82 27.80
N LEU B 140 -5.83 35.38 27.71
CA LEU B 140 -4.95 35.62 28.85
C LEU B 140 -5.52 36.71 29.77
N HIS B 141 -6.20 37.72 29.19
CA HIS B 141 -6.86 38.80 29.92
C HIS B 141 -8.05 38.24 30.71
N ARG B 142 -8.83 37.35 30.09
CA ARG B 142 -9.99 36.67 30.70
C ARG B 142 -9.54 35.70 31.80
N ALA B 143 -8.36 35.04 31.60
CA ALA B 143 -7.76 34.10 32.56
C ALA B 143 -7.28 34.83 33.81
N LYS B 144 -6.58 35.98 33.63
CA LYS B 144 -6.07 36.83 34.72
C LYS B 144 -7.22 37.38 35.56
N LYS B 145 -8.30 37.83 34.89
CA LYS B 145 -9.51 38.38 35.50
C LYS B 145 -10.33 37.26 36.18
N GLY B 146 -10.35 36.07 35.56
CA GLY B 146 -11.08 34.91 36.05
C GLY B 146 -10.51 34.29 37.32
N LEU B 147 -9.18 34.02 37.32
CA LEU B 147 -8.45 33.44 38.45
C LEU B 147 -8.44 34.37 39.66
N GLY B 148 -8.20 35.67 39.42
CA GLY B 148 -8.16 36.69 40.46
C GLY B 148 -6.88 37.49 40.48
N ALA B 152 -5.04 42.80 35.42
CA ALA B 152 -5.46 41.89 34.36
C ALA B 152 -4.82 42.22 33.01
N ASP B 153 -3.99 43.29 32.96
CA ASP B 153 -3.30 43.73 31.75
C ASP B 153 -2.29 42.70 31.24
N VAL B 154 -2.36 42.41 29.92
CA VAL B 154 -1.48 41.47 29.23
C VAL B 154 -0.28 42.24 28.68
N SER B 155 0.92 41.92 29.21
CA SER B 155 2.17 42.58 28.83
C SER B 155 2.84 41.87 27.66
N MET B 156 3.78 42.57 27.01
CA MET B 156 4.58 42.11 25.88
C MET B 156 5.37 40.86 26.27
N ALA B 157 5.97 40.87 27.48
CA ALA B 157 6.76 39.77 28.05
C ALA B 157 5.94 38.47 28.16
N ASN B 158 4.66 38.58 28.56
CA ASN B 158 3.71 37.46 28.68
C ASN B 158 3.43 36.86 27.29
N MET B 159 3.33 37.74 26.27
CA MET B 159 3.06 37.36 24.89
C MET B 159 4.25 36.66 24.22
N VAL B 160 5.49 37.13 24.50
CA VAL B 160 6.73 36.55 23.98
C VAL B 160 6.91 35.13 24.55
N LEU B 161 6.56 34.95 25.85
CA LEU B 161 6.62 33.66 26.54
C LEU B 161 5.68 32.65 25.89
N ILE B 162 4.38 33.00 25.75
CA ILE B 162 3.36 32.14 25.10
C ILE B 162 3.78 31.85 23.65
N GLY B 163 4.24 32.89 22.95
CA GLY B 163 4.72 32.81 21.58
C GLY B 163 5.85 31.82 21.38
N PHE B 164 6.92 31.94 22.21
CA PHE B 164 8.08 31.06 22.13
C PHE B 164 7.72 29.61 22.45
N PHE B 165 6.84 29.39 23.46
CA PHE B 165 6.36 28.05 23.79
C PHE B 165 5.44 27.48 22.70
N SER B 166 4.68 28.36 21.99
CA SER B 166 3.81 27.98 20.88
C SER B 166 4.63 27.44 19.72
N CYS B 167 5.86 27.99 19.52
CA CYS B 167 6.81 27.54 18.50
C CYS B 167 7.35 26.16 18.85
N ILE B 168 7.83 25.97 20.11
CA ILE B 168 8.39 24.71 20.62
C ILE B 168 7.38 23.54 20.53
N SER B 169 6.14 23.76 21.04
CA SER B 169 5.07 22.76 21.01
C SER B 169 4.67 22.36 19.58
N THR B 170 4.63 23.31 18.63
CA THR B 170 4.29 23.02 17.22
C THR B 170 5.35 22.11 16.57
N LEU B 171 6.65 22.42 16.80
CA LEU B 171 7.78 21.62 16.30
C LEU B 171 7.81 20.23 16.96
N CYS B 172 7.48 20.17 18.27
CA CYS B 172 7.44 18.93 19.07
C CYS B 172 6.28 18.02 18.65
N ILE B 173 5.08 18.60 18.38
CA ILE B 173 3.90 17.86 17.89
C ILE B 173 4.23 17.30 16.49
N GLY B 174 4.89 18.12 15.68
CA GLY B 174 5.34 17.78 14.33
C GLY B 174 6.34 16.65 14.31
N ALA B 175 7.45 16.80 15.06
CA ALA B 175 8.51 15.80 15.17
C ALA B 175 7.96 14.47 15.65
N ALA B 176 6.93 14.50 16.54
CA ALA B 176 6.21 13.34 17.07
C ALA B 176 5.50 12.58 15.93
N ALA B 177 4.93 13.33 14.96
CA ALA B 177 4.20 12.76 13.83
C ALA B 177 5.11 12.34 12.67
N PHE B 178 6.04 13.22 12.23
CA PHE B 178 6.95 12.93 11.11
C PHE B 178 7.98 11.84 11.41
N SER B 179 8.32 11.61 12.70
CA SER B 179 9.22 10.52 13.07
C SER B 179 8.45 9.21 13.03
N HIS B 180 7.10 9.27 13.20
CA HIS B 180 6.21 8.12 13.17
C HIS B 180 5.94 7.67 11.74
N TYR B 181 5.43 8.59 10.89
CA TYR B 181 5.05 8.29 9.52
C TYR B 181 6.20 8.22 8.55
N GLU B 182 7.18 9.14 8.64
CA GLU B 182 8.33 9.13 7.73
C GLU B 182 9.52 8.31 8.29
N HIS B 183 9.29 7.59 9.40
CA HIS B 183 10.27 6.70 10.06
C HIS B 183 11.68 7.34 10.21
N TRP B 184 11.71 8.56 10.75
CA TRP B 184 12.93 9.33 11.03
C TRP B 184 13.12 9.30 12.55
N THR B 185 14.27 9.79 13.04
CA THR B 185 14.50 9.93 14.49
C THR B 185 13.77 11.22 14.91
N PHE B 186 13.47 11.41 16.22
CA PHE B 186 12.79 12.62 16.69
C PHE B 186 13.57 13.87 16.29
N PHE B 187 14.92 13.81 16.41
CA PHE B 187 15.83 14.89 16.04
C PHE B 187 15.73 15.22 14.54
N GLN B 188 15.74 14.19 13.67
CA GLN B 188 15.63 14.35 12.21
C GLN B 188 14.30 14.98 11.80
N ALA B 189 13.17 14.52 12.39
CA ALA B 189 11.84 15.06 12.12
C ALA B 189 11.71 16.47 12.66
N TYR B 190 12.36 16.77 13.84
CA TYR B 190 12.39 18.11 14.47
C TYR B 190 13.15 19.08 13.56
N TYR B 191 14.31 18.62 13.02
CA TYR B 191 15.16 19.37 12.10
C TYR B 191 14.39 19.66 10.81
N TYR B 192 13.59 18.67 10.33
CA TYR B 192 12.74 18.81 9.14
C TYR B 192 11.69 19.89 9.40
N CYS B 193 10.99 19.82 10.54
CA CYS B 193 9.97 20.79 10.94
C CYS B 193 10.55 22.19 11.08
N PHE B 194 11.77 22.32 11.63
CA PHE B 194 12.43 23.62 11.78
C PHE B 194 12.72 24.23 10.41
N ILE B 195 13.40 23.48 9.53
CA ILE B 195 13.79 23.89 8.16
C ILE B 195 12.54 24.18 7.29
N THR B 196 11.42 23.48 7.52
CA THR B 196 10.17 23.69 6.80
C THR B 196 9.49 24.99 7.23
N LEU B 197 9.21 25.13 8.54
CA LEU B 197 8.51 26.27 9.13
C LEU B 197 9.31 27.59 9.14
N THR B 198 10.60 27.56 8.77
CA THR B 198 11.43 28.76 8.64
C THR B 198 11.57 29.11 7.15
N THR B 199 10.84 28.37 6.27
CA THR B 199 10.80 28.49 4.80
C THR B 199 12.18 28.27 4.14
N ILE B 200 13.13 27.63 4.86
CA ILE B 200 14.45 27.33 4.31
C ILE B 200 14.29 26.23 3.26
N GLY B 201 13.69 25.10 3.67
CA GLY B 201 13.39 23.95 2.84
C GLY B 201 14.51 23.46 1.95
N PHE B 202 15.57 22.89 2.56
CA PHE B 202 16.72 22.34 1.83
C PHE B 202 16.26 21.25 0.86
N GLY B 203 15.39 20.35 1.33
CA GLY B 203 14.87 19.24 0.56
C GLY B 203 15.54 17.92 0.90
N ASP B 204 16.46 17.94 1.90
CA ASP B 204 17.17 16.76 2.38
C ASP B 204 16.22 15.82 3.13
N TYR B 205 15.15 16.41 3.67
CA TYR B 205 14.05 15.74 4.36
C TYR B 205 12.77 16.33 3.76
N VAL B 206 11.94 15.48 3.13
CA VAL B 206 10.66 15.87 2.49
C VAL B 206 9.62 14.81 2.88
N ALA B 207 8.48 15.26 3.42
CA ALA B 207 7.37 14.38 3.81
C ALA B 207 6.55 14.04 2.58
N LEU B 208 5.82 12.89 2.62
CA LEU B 208 4.94 12.36 1.56
C LEU B 208 5.71 11.82 0.33
N GLN B 209 6.90 11.24 0.56
CA GLN B 209 7.74 10.65 -0.50
C GLN B 209 7.86 9.14 -0.34
N LYS B 210 7.82 8.65 0.91
CA LYS B 210 7.90 7.23 1.23
C LYS B 210 6.58 6.52 0.99
N ASP B 211 6.66 5.27 0.48
CA ASP B 211 5.55 4.34 0.21
C ASP B 211 4.36 4.93 -0.57
N GLN B 212 4.66 5.82 -1.57
CA GLN B 212 3.67 6.47 -2.47
C GLN B 212 2.54 7.15 -1.68
N ALA B 213 2.91 7.89 -0.62
CA ALA B 213 2.02 8.59 0.30
C ALA B 213 1.04 9.56 -0.34
N LEU B 214 1.48 10.31 -1.39
CA LEU B 214 0.64 11.28 -2.11
C LEU B 214 -0.58 10.65 -2.76
N GLN B 215 -0.46 9.39 -3.19
CA GLN B 215 -1.54 8.66 -3.85
C GLN B 215 -2.32 7.74 -2.90
N THR B 216 -1.60 6.97 -2.06
CA THR B 216 -2.17 5.95 -1.18
C THR B 216 -2.58 6.38 0.25
N GLN B 217 -2.01 7.48 0.78
CA GLN B 217 -2.30 7.93 2.15
C GLN B 217 -2.97 9.32 2.20
N PRO B 218 -4.29 9.46 1.92
CA PRO B 218 -4.91 10.79 1.93
C PRO B 218 -5.05 11.44 3.30
N GLN B 219 -5.20 10.61 4.35
CA GLN B 219 -5.33 11.07 5.74
C GLN B 219 -4.03 11.76 6.22
N TYR B 220 -2.86 11.17 5.92
CA TYR B 220 -1.55 11.71 6.27
C TYR B 220 -1.22 12.96 5.44
N VAL B 221 -1.57 12.95 4.14
CA VAL B 221 -1.38 14.08 3.21
C VAL B 221 -2.17 15.29 3.76
N ALA B 222 -3.44 15.08 4.15
CA ALA B 222 -4.31 16.11 4.72
C ALA B 222 -3.69 16.71 5.98
N PHE B 223 -3.04 15.88 6.83
CA PHE B 223 -2.37 16.34 8.04
C PHE B 223 -1.15 17.19 7.70
N SER B 224 -0.31 16.72 6.77
CA SER B 224 0.91 17.40 6.35
C SER B 224 0.66 18.82 5.86
N PHE B 225 -0.37 19.00 4.99
CA PHE B 225 -0.79 20.29 4.43
C PHE B 225 -1.25 21.23 5.54
N VAL B 226 -2.10 20.71 6.45
CA VAL B 226 -2.66 21.43 7.60
C VAL B 226 -1.54 21.81 8.59
N TYR B 227 -0.58 20.90 8.88
CA TYR B 227 0.56 21.16 9.77
C TYR B 227 1.48 22.24 9.21
N ILE B 228 1.83 22.14 7.91
CA ILE B 228 2.68 23.13 7.22
C ILE B 228 2.03 24.51 7.30
N LEU B 229 0.73 24.59 6.95
CA LEU B 229 -0.02 25.84 6.95
C LEU B 229 -0.29 26.40 8.36
N THR B 230 -0.66 25.55 9.33
CA THR B 230 -0.90 26.03 10.70
C THR B 230 0.42 26.39 11.39
N GLY B 231 1.45 25.56 11.18
CA GLY B 231 2.78 25.76 11.74
C GLY B 231 3.43 27.05 11.31
N LEU B 232 3.24 27.42 10.02
CA LEU B 232 3.75 28.67 9.44
C LEU B 232 3.04 29.87 10.02
N THR B 233 1.77 29.70 10.44
CA THR B 233 0.99 30.77 11.06
C THR B 233 1.50 31.03 12.48
N VAL B 234 1.92 29.97 13.21
CA VAL B 234 2.48 30.05 14.56
C VAL B 234 3.83 30.80 14.52
N ILE B 235 4.71 30.45 13.56
CA ILE B 235 6.01 31.10 13.34
C ILE B 235 5.76 32.55 12.85
N GLY B 236 4.79 32.71 11.95
CA GLY B 236 4.38 34.00 11.41
C GLY B 236 3.91 34.95 12.48
N ALA B 237 3.10 34.45 13.45
CA ALA B 237 2.57 35.22 14.57
C ALA B 237 3.69 35.67 15.52
N PHE B 238 4.73 34.82 15.70
CA PHE B 238 5.89 35.11 16.55
C PHE B 238 6.77 36.19 15.94
N LEU B 239 6.95 36.16 14.60
CA LEU B 239 7.72 37.17 13.88
C LEU B 239 6.96 38.51 13.92
N ASN B 240 5.62 38.47 13.78
CA ASN B 240 4.72 39.63 13.83
C ASN B 240 4.85 40.36 15.19
N LEU B 241 5.04 39.59 16.26
CA LEU B 241 5.17 40.07 17.63
C LEU B 241 6.55 40.66 17.95
N VAL B 242 7.64 39.93 17.67
CA VAL B 242 9.02 40.31 18.01
C VAL B 242 9.81 41.05 16.89
N VAL B 243 9.90 40.46 15.69
CA VAL B 243 10.72 40.95 14.58
C VAL B 243 10.07 42.10 13.75
N LEU B 244 8.75 42.03 13.48
CA LEU B 244 8.03 43.02 12.67
C LEU B 244 8.02 44.47 13.22
N ARG B 245 8.21 44.64 14.55
CA ARG B 245 8.24 45.94 15.23
C ARG B 245 9.47 46.81 14.86
N PHE B 246 10.55 46.15 14.37
CA PHE B 246 11.85 46.74 14.00
C PHE B 246 11.96 47.13 12.53
N MET B 247 11.10 46.57 11.67
CA MET B 247 11.10 46.84 10.22
C MET B 247 10.51 48.22 9.89
N THR B 248 9.45 48.62 10.61
CA THR B 248 8.75 49.90 10.45
C THR B 248 9.53 51.06 11.09
N MET B 249 10.43 50.73 12.04
CA MET B 249 11.29 51.64 12.81
C MET B 249 12.11 52.62 11.95
N ASN B 250 12.65 52.14 10.81
CA ASN B 250 13.45 52.94 9.87
C ASN B 250 12.62 54.06 9.22
N ALA B 251 11.33 53.78 8.95
CA ALA B 251 10.37 54.72 8.37
C ALA B 251 9.86 55.69 9.43
N GLU B 252 9.75 55.24 10.70
CA GLU B 252 9.29 56.03 11.85
C GLU B 252 10.27 57.19 12.15
N ASP B 253 11.59 56.91 12.06
CA ASP B 253 12.65 57.88 12.30
C ASP B 253 12.68 58.96 11.19
N GLU B 254 12.40 58.56 9.93
CA GLU B 254 12.33 59.45 8.77
C GLU B 254 11.06 60.33 8.89
N LYS B 255 9.97 59.74 9.44
CA LYS B 255 8.69 60.43 9.69
C LYS B 255 8.89 61.48 10.78
N ARG B 256 9.72 61.14 11.80
CA ARG B 256 10.08 62.01 12.92
C ARG B 256 10.92 63.20 12.46
N ASP B 257 11.77 63.02 11.42
CA ASP B 257 12.63 64.05 10.86
C ASP B 257 11.82 65.17 10.20
N ALA B 258 10.86 64.78 9.33
CA ALA B 258 9.99 65.70 8.59
C ALA B 258 9.00 66.44 9.51
N GLU B 259 8.42 65.73 10.49
CA GLU B 259 7.45 66.27 11.45
C GLU B 259 8.05 67.32 12.39
N ASN B 260 9.22 67.01 13.01
CA ASN B 260 9.93 67.91 13.93
C ASN B 260 10.50 69.15 13.24
N LEU B 261 11.13 68.97 12.07
CA LEU B 261 11.72 70.05 11.28
C LEU B 261 10.74 70.60 10.25
N MET C 1 -47.62 -18.20 3.83
CA MET C 1 -46.47 -18.69 3.10
C MET C 1 -46.48 -20.21 2.95
N LYS C 2 -45.97 -20.71 1.80
CA LYS C 2 -45.87 -22.15 1.50
C LYS C 2 -44.82 -22.80 2.41
N ARG C 3 -45.02 -24.11 2.73
CA ARG C 3 -44.13 -24.92 3.59
C ARG C 3 -42.67 -24.94 3.08
N GLN C 4 -42.47 -24.92 1.75
CA GLN C 4 -41.15 -24.88 1.09
C GLN C 4 -40.48 -23.53 1.35
N ASN C 5 -41.25 -22.43 1.14
CA ASN C 5 -40.81 -21.05 1.31
C ASN C 5 -40.40 -20.71 2.74
N VAL C 6 -41.11 -21.29 3.74
CA VAL C 6 -40.82 -21.11 5.16
C VAL C 6 -39.51 -21.84 5.48
N ARG C 7 -39.37 -23.11 5.03
CA ARG C 7 -38.20 -23.98 5.21
C ARG C 7 -36.93 -23.36 4.62
N THR C 8 -37.01 -22.83 3.39
CA THR C 8 -35.90 -22.20 2.67
C THR C 8 -35.43 -20.93 3.39
N LEU C 9 -36.37 -20.04 3.77
CA LEU C 9 -36.06 -18.81 4.50
C LEU C 9 -35.46 -19.08 5.88
N ALA C 10 -35.99 -20.10 6.60
CA ALA C 10 -35.49 -20.52 7.91
C ALA C 10 -34.04 -20.95 7.80
N LEU C 11 -33.71 -21.76 6.76
CA LEU C 11 -32.36 -22.24 6.48
C LEU C 11 -31.38 -21.11 6.16
N ILE C 12 -31.83 -20.09 5.39
CA ILE C 12 -31.03 -18.91 5.03
C ILE C 12 -30.71 -18.10 6.30
N VAL C 13 -31.74 -17.85 7.13
CA VAL C 13 -31.60 -17.14 8.41
C VAL C 13 -30.66 -17.94 9.36
N CYS C 14 -30.81 -19.28 9.38
CA CYS C 14 -29.98 -20.19 10.18
C CYS C 14 -28.51 -20.11 9.78
N THR C 15 -28.23 -20.26 8.46
CA THR C 15 -26.87 -20.22 7.90
C THR C 15 -26.18 -18.88 8.14
N PHE C 16 -26.90 -17.75 7.92
CA PHE C 16 -26.35 -16.42 8.13
C PHE C 16 -26.08 -16.11 9.59
N THR C 17 -26.93 -16.59 10.52
CA THR C 17 -26.70 -16.41 11.96
C THR C 17 -25.54 -17.31 12.43
N TYR C 18 -25.43 -18.52 11.83
CA TYR C 18 -24.36 -19.49 12.10
C TYR C 18 -23.01 -18.93 11.67
N LEU C 19 -23.01 -18.13 10.58
CA LEU C 19 -21.84 -17.44 10.07
C LEU C 19 -21.41 -16.30 11.00
N LEU C 20 -22.37 -15.49 11.47
CA LEU C 20 -22.12 -14.37 12.41
C LEU C 20 -21.57 -14.89 13.73
N VAL C 21 -22.17 -15.98 14.27
CA VAL C 21 -21.75 -16.64 15.52
C VAL C 21 -20.34 -17.21 15.34
N GLY C 22 -20.11 -17.89 14.22
CA GLY C 22 -18.81 -18.46 13.87
C GLY C 22 -17.73 -17.40 13.79
N ALA C 23 -18.01 -16.31 13.04
CA ALA C 23 -17.12 -15.16 12.87
C ALA C 23 -16.78 -14.54 14.22
N ALA C 24 -17.77 -14.46 15.14
CA ALA C 24 -17.58 -13.92 16.48
C ALA C 24 -16.65 -14.80 17.33
N VAL C 25 -16.83 -16.14 17.27
CA VAL C 25 -16.02 -17.10 18.03
C VAL C 25 -14.59 -17.18 17.46
N PHE C 26 -14.45 -17.29 16.11
CA PHE C 26 -13.14 -17.36 15.45
C PHE C 26 -12.31 -16.09 15.68
N ASP C 27 -12.98 -14.95 15.89
CA ASP C 27 -12.36 -13.66 16.20
C ASP C 27 -11.74 -13.78 17.60
N ALA C 28 -12.58 -14.17 18.59
CA ALA C 28 -12.19 -14.34 20.00
C ALA C 28 -11.06 -15.35 20.22
N LEU C 29 -10.97 -16.38 19.37
CA LEU C 29 -9.96 -17.42 19.48
C LEU C 29 -8.68 -17.18 18.68
N GLU C 30 -8.75 -16.47 17.54
CA GLU C 30 -7.59 -16.30 16.67
C GLU C 30 -7.05 -14.88 16.45
N SER C 31 -7.83 -13.82 16.74
CA SER C 31 -7.38 -12.43 16.53
C SER C 31 -6.07 -12.06 17.25
N GLU C 32 -6.08 -12.11 18.60
CA GLU C 32 -4.91 -11.78 19.43
C GLU C 32 -3.72 -12.75 19.19
N PRO C 33 -3.88 -14.10 19.10
CA PRO C 33 -2.71 -14.95 18.82
C PRO C 33 -2.01 -14.62 17.51
N GLU C 34 -2.78 -14.23 16.46
CA GLU C 34 -2.27 -13.84 15.14
C GLU C 34 -1.42 -12.57 15.22
N LEU C 35 -1.91 -11.57 15.99
CA LEU C 35 -1.21 -10.30 16.20
C LEU C 35 0.11 -10.53 16.95
N ILE C 36 0.10 -11.39 18.00
CA ILE C 36 1.29 -11.73 18.80
C ILE C 36 2.28 -12.55 17.96
N GLU C 37 1.77 -13.45 17.09
CA GLU C 37 2.63 -14.23 16.20
C GLU C 37 3.27 -13.33 15.14
N ARG C 38 2.49 -12.40 14.55
CA ARG C 38 2.98 -11.45 13.54
C ARG C 38 4.12 -10.59 14.08
N GLN C 39 3.99 -10.10 15.34
CA GLN C 39 5.01 -9.28 15.99
C GLN C 39 6.29 -10.08 16.29
N ARG C 40 6.13 -11.34 16.77
CA ARG C 40 7.22 -12.25 17.11
C ARG C 40 8.08 -12.62 15.89
N LEU C 41 7.43 -12.89 14.74
CA LEU C 41 8.10 -13.24 13.49
C LEU C 41 8.77 -12.03 12.85
N GLU C 42 8.21 -10.83 13.04
CA GLU C 42 8.77 -9.58 12.54
C GLU C 42 10.09 -9.26 13.24
N LEU C 43 10.20 -9.62 14.53
CA LEU C 43 11.40 -9.43 15.34
C LEU C 43 12.49 -10.41 14.91
N ARG C 44 12.11 -11.69 14.71
CA ARG C 44 12.99 -12.77 14.28
C ARG C 44 13.52 -12.47 12.87
N GLN C 45 12.70 -11.79 12.05
CA GLN C 45 13.06 -11.36 10.69
C GLN C 45 14.12 -10.24 10.78
N GLN C 46 13.94 -9.29 11.72
CA GLN C 46 14.84 -8.16 11.94
C GLN C 46 16.20 -8.62 12.46
N GLU C 47 16.20 -9.59 13.40
CA GLU C 47 17.41 -10.15 14.00
C GLU C 47 18.25 -10.95 13.00
N LEU C 48 17.59 -11.77 12.16
CA LEU C 48 18.28 -12.55 11.12
C LEU C 48 18.82 -11.66 10.00
N ARG C 49 18.11 -10.57 9.65
CA ARG C 49 18.53 -9.60 8.64
C ARG C 49 19.76 -8.79 9.08
N ALA C 50 19.95 -8.67 10.40
CA ALA C 50 21.10 -8.01 11.02
C ALA C 50 22.26 -9.00 11.16
N ARG C 51 21.94 -10.27 11.50
CA ARG C 51 22.87 -11.40 11.70
C ARG C 51 23.67 -11.78 10.46
N TYR C 52 23.06 -11.68 9.27
CA TYR C 52 23.70 -12.07 8.00
C TYR C 52 23.91 -10.89 7.02
N ASN C 53 23.90 -9.64 7.55
CA ASN C 53 24.07 -8.39 6.80
C ASN C 53 23.18 -8.33 5.55
N LEU C 54 21.86 -8.27 5.78
CA LEU C 54 20.85 -8.25 4.71
C LEU C 54 20.05 -6.96 4.69
N SER C 55 19.97 -6.33 3.50
CA SER C 55 19.22 -5.10 3.27
C SER C 55 17.75 -5.40 2.97
N GLN C 56 16.92 -4.35 2.76
CA GLN C 56 15.49 -4.45 2.43
C GLN C 56 15.29 -5.19 1.10
N GLY C 57 16.14 -4.88 0.12
CA GLY C 57 16.14 -5.49 -1.20
C GLY C 57 16.72 -6.90 -1.20
N GLY C 58 17.76 -7.10 -0.40
CA GLY C 58 18.46 -8.37 -0.25
C GLY C 58 17.56 -9.46 0.32
N TYR C 59 16.73 -9.10 1.30
CA TYR C 59 15.77 -9.99 1.95
C TYR C 59 14.63 -10.33 0.97
N GLU C 60 14.09 -9.29 0.28
CA GLU C 60 12.99 -9.40 -0.69
C GLU C 60 13.32 -10.36 -1.84
N GLU C 61 14.60 -10.35 -2.31
CA GLU C 61 15.09 -11.22 -3.38
C GLU C 61 15.10 -12.69 -2.90
N LEU C 62 15.53 -12.92 -1.65
CA LEU C 62 15.56 -14.23 -1.02
C LEU C 62 14.15 -14.70 -0.66
N GLU C 63 13.23 -13.75 -0.42
CA GLU C 63 11.82 -14.00 -0.07
C GLU C 63 11.08 -14.67 -1.22
N ARG C 64 11.28 -14.18 -2.46
CA ARG C 64 10.64 -14.70 -3.68
C ARG C 64 11.03 -16.15 -3.94
N VAL C 65 12.34 -16.47 -3.79
CA VAL C 65 12.93 -17.80 -4.03
C VAL C 65 12.39 -18.84 -3.04
N VAL C 66 12.38 -18.51 -1.73
CA VAL C 66 11.88 -19.39 -0.65
C VAL C 66 10.40 -19.75 -0.87
N LEU C 67 9.57 -18.76 -1.24
CA LEU C 67 8.15 -18.93 -1.49
C LEU C 67 7.88 -19.79 -2.74
N ARG C 68 8.64 -19.54 -3.83
CA ARG C 68 8.51 -20.29 -5.09
C ARG C 68 9.06 -21.72 -4.99
N LEU C 69 10.01 -21.98 -4.05
CA LEU C 69 10.59 -23.30 -3.84
C LEU C 69 9.75 -24.18 -2.90
N LYS C 70 8.76 -23.59 -2.18
CA LYS C 70 7.88 -24.29 -1.25
C LYS C 70 7.19 -25.54 -1.88
N PRO C 71 6.54 -25.46 -3.08
CA PRO C 71 5.93 -26.69 -3.64
C PRO C 71 6.95 -27.73 -4.10
N HIS C 72 8.19 -27.31 -4.38
CA HIS C 72 9.29 -28.17 -4.82
C HIS C 72 9.99 -28.87 -3.65
N LYS C 73 9.94 -28.26 -2.44
CA LYS C 73 10.54 -28.78 -1.20
C LYS C 73 10.11 -30.20 -0.85
N ALA C 74 8.81 -30.51 -1.06
CA ALA C 74 8.21 -31.82 -0.84
C ALA C 74 8.69 -32.87 -1.85
N GLY C 75 9.28 -32.41 -2.96
CA GLY C 75 9.80 -33.25 -4.03
C GLY C 75 9.03 -33.09 -5.32
N VAL C 76 9.17 -34.08 -6.23
CA VAL C 76 8.46 -34.12 -7.52
C VAL C 76 6.97 -34.34 -7.24
N GLN C 77 6.15 -33.35 -7.61
CA GLN C 77 4.71 -33.35 -7.38
C GLN C 77 3.92 -33.70 -8.61
N TRP C 78 4.58 -33.81 -9.78
CA TRP C 78 3.81 -34.01 -11.00
C TRP C 78 4.11 -35.26 -11.82
N ARG C 79 4.76 -36.28 -11.24
CA ARG C 79 4.95 -37.53 -11.98
C ARG C 79 3.66 -38.39 -11.84
N PHE C 80 3.70 -39.73 -11.97
CA PHE C 80 2.47 -40.52 -11.84
C PHE C 80 1.82 -40.44 -10.45
N ALA C 81 2.59 -40.78 -9.40
CA ALA C 81 2.13 -40.79 -8.01
C ALA C 81 1.59 -39.43 -7.57
N GLY C 82 2.31 -38.37 -7.93
CA GLY C 82 1.94 -37.00 -7.62
C GLY C 82 0.70 -36.51 -8.34
N SER C 83 0.58 -36.85 -9.65
CA SER C 83 -0.57 -36.49 -10.50
C SER C 83 -1.82 -37.25 -10.07
N PHE C 84 -1.67 -38.52 -9.61
CA PHE C 84 -2.78 -39.35 -9.13
C PHE C 84 -3.32 -38.77 -7.83
N TYR C 85 -2.41 -38.33 -6.95
CA TYR C 85 -2.71 -37.68 -5.69
C TYR C 85 -3.51 -36.40 -5.97
N PHE C 86 -3.05 -35.60 -6.95
CA PHE C 86 -3.71 -34.36 -7.36
C PHE C 86 -5.10 -34.61 -7.98
N ALA C 87 -5.22 -35.64 -8.87
CA ALA C 87 -6.48 -36.04 -9.50
C ALA C 87 -7.55 -36.39 -8.45
N ILE C 88 -7.14 -37.03 -7.32
CA ILE C 88 -8.05 -37.34 -6.20
C ILE C 88 -8.57 -36.02 -5.60
N THR C 89 -7.65 -35.08 -5.20
CA THR C 89 -7.98 -33.77 -4.60
C THR C 89 -8.93 -32.92 -5.46
N VAL C 90 -8.94 -33.13 -6.80
CA VAL C 90 -9.81 -32.40 -7.72
C VAL C 90 -11.24 -32.95 -7.69
N ILE C 91 -11.41 -34.23 -8.12
CA ILE C 91 -12.70 -34.91 -8.24
C ILE C 91 -13.42 -35.11 -6.89
N THR C 92 -12.67 -35.23 -5.78
CA THR C 92 -13.25 -35.38 -4.43
C THR C 92 -13.52 -34.02 -3.76
N THR C 93 -13.08 -32.91 -4.42
CA THR C 93 -13.22 -31.50 -4.01
C THR C 93 -12.42 -31.17 -2.72
N ILE C 94 -11.42 -32.00 -2.36
CA ILE C 94 -10.57 -31.73 -1.18
C ILE C 94 -9.69 -30.52 -1.49
N GLY C 95 -8.98 -30.58 -2.62
CA GLY C 95 -8.10 -29.54 -3.15
C GLY C 95 -7.21 -28.84 -2.14
N TYR C 96 -6.19 -29.55 -1.62
CA TYR C 96 -5.24 -29.02 -0.62
C TYR C 96 -4.52 -27.77 -1.15
N GLY C 97 -4.10 -27.82 -2.41
CA GLY C 97 -3.37 -26.74 -3.07
C GLY C 97 -1.88 -26.84 -2.85
N HIS C 98 -1.40 -27.99 -2.34
CA HIS C 98 0.03 -28.30 -2.10
C HIS C 98 0.72 -28.35 -3.47
N ALA C 99 -0.02 -28.83 -4.47
CA ALA C 99 0.33 -28.93 -5.89
C ALA C 99 -0.89 -28.39 -6.66
N ALA C 100 -0.67 -27.38 -7.50
CA ALA C 100 -1.70 -26.74 -8.33
C ALA C 100 -1.18 -26.57 -9.76
N PRO C 101 -2.05 -26.63 -10.80
CA PRO C 101 -1.53 -26.50 -12.18
C PRO C 101 -0.82 -25.18 -12.43
N SER C 102 0.49 -25.26 -12.76
CA SER C 102 1.31 -24.09 -13.03
C SER C 102 1.18 -23.59 -14.48
N THR C 103 0.70 -24.46 -15.39
CA THR C 103 0.50 -24.12 -16.80
C THR C 103 -0.95 -23.83 -17.14
N ASP C 104 -1.16 -23.01 -18.19
CA ASP C 104 -2.46 -22.62 -18.74
C ASP C 104 -3.24 -23.85 -19.21
N GLY C 105 -2.55 -24.78 -19.86
CA GLY C 105 -3.12 -26.02 -20.36
C GLY C 105 -3.55 -26.97 -19.25
N GLY C 106 -2.76 -26.99 -18.17
CA GLY C 106 -3.02 -27.76 -16.97
C GLY C 106 -4.25 -27.25 -16.26
N LYS C 107 -4.39 -25.91 -16.18
CA LYS C 107 -5.53 -25.21 -15.55
C LYS C 107 -6.82 -25.47 -16.32
N VAL C 108 -6.75 -25.49 -17.68
CA VAL C 108 -7.89 -25.75 -18.58
C VAL C 108 -8.36 -27.19 -18.42
N PHE C 109 -7.44 -28.17 -18.58
CA PHE C 109 -7.76 -29.59 -18.44
C PHE C 109 -8.33 -29.87 -17.05
N CYS C 110 -7.80 -29.21 -15.99
CA CYS C 110 -8.26 -29.34 -14.61
C CYS C 110 -9.74 -28.95 -14.46
N MET C 111 -10.17 -27.87 -15.15
CA MET C 111 -11.55 -27.38 -15.13
C MET C 111 -12.51 -28.36 -15.79
N PHE C 112 -12.16 -28.86 -17.00
CA PHE C 112 -12.96 -29.85 -17.74
C PHE C 112 -13.00 -31.19 -16.98
N TYR C 113 -11.86 -31.57 -16.35
CA TYR C 113 -11.67 -32.79 -15.56
C TYR C 113 -12.57 -32.78 -14.33
N ALA C 114 -12.72 -31.61 -13.68
CA ALA C 114 -13.56 -31.42 -12.50
C ALA C 114 -15.05 -31.41 -12.88
N LEU C 115 -15.41 -30.73 -14.00
CA LEU C 115 -16.76 -30.60 -14.54
C LEU C 115 -17.48 -31.95 -14.69
N LEU C 116 -16.76 -32.97 -15.20
CA LEU C 116 -17.26 -34.33 -15.39
C LEU C 116 -16.91 -35.25 -14.20
N GLY C 117 -15.76 -34.99 -13.58
CA GLY C 117 -15.23 -35.74 -12.46
C GLY C 117 -16.03 -35.69 -11.18
N ILE C 118 -16.25 -34.46 -10.64
CA ILE C 118 -17.01 -34.22 -9.39
C ILE C 118 -18.40 -34.92 -9.44
N PRO C 119 -19.25 -34.78 -10.51
CA PRO C 119 -20.53 -35.53 -10.53
C PRO C 119 -20.34 -37.04 -10.47
N LEU C 120 -19.38 -37.58 -11.27
CA LEU C 120 -19.04 -39.01 -11.31
C LEU C 120 -18.62 -39.53 -9.92
N THR C 121 -17.77 -38.75 -9.21
CA THR C 121 -17.26 -39.08 -7.87
C THR C 121 -18.37 -39.05 -6.82
N LEU C 122 -19.24 -38.02 -6.87
CA LEU C 122 -20.38 -37.83 -5.95
C LEU C 122 -21.36 -39.00 -6.08
N VAL C 123 -21.76 -39.33 -7.33
CA VAL C 123 -22.67 -40.42 -7.64
C VAL C 123 -22.07 -41.76 -7.18
N MET C 124 -20.77 -41.99 -7.47
CA MET C 124 -20.02 -43.18 -7.07
C MET C 124 -20.01 -43.35 -5.53
N PHE C 125 -19.74 -42.26 -4.79
CA PHE C 125 -19.70 -42.28 -3.32
C PHE C 125 -21.07 -42.50 -2.69
N GLN C 126 -22.15 -41.99 -3.33
CA GLN C 126 -23.51 -42.18 -2.83
C GLN C 126 -24.02 -43.58 -3.12
N SER C 127 -23.61 -44.15 -4.28
CA SER C 127 -23.97 -45.50 -4.69
C SER C 127 -23.27 -46.53 -3.80
N LEU C 128 -21.94 -46.39 -3.61
CA LEU C 128 -21.13 -47.28 -2.77
C LEU C 128 -21.52 -47.13 -1.29
N GLY C 129 -21.84 -45.90 -0.88
CA GLY C 129 -22.27 -45.56 0.46
C GLY C 129 -23.58 -46.23 0.85
N GLU C 130 -24.52 -46.33 -0.12
CA GLU C 130 -25.82 -46.97 0.03
C GLU C 130 -25.62 -48.50 0.21
N ARG C 131 -24.72 -49.11 -0.59
CA ARG C 131 -24.41 -50.56 -0.53
C ARG C 131 -23.83 -50.94 0.83
N ILE C 132 -23.01 -50.04 1.43
CA ILE C 132 -22.42 -50.22 2.76
C ILE C 132 -23.54 -50.22 3.82
N ASN C 133 -24.47 -49.24 3.71
CA ASN C 133 -25.63 -49.11 4.61
C ASN C 133 -26.55 -50.33 4.49
N THR C 134 -26.78 -50.81 3.25
CA THR C 134 -27.61 -52.00 2.97
C THR C 134 -26.98 -53.25 3.58
N LEU C 135 -25.63 -53.35 3.53
CA LEU C 135 -24.87 -54.46 4.12
C LEU C 135 -24.95 -54.43 5.65
N VAL C 136 -24.78 -53.23 6.25
CA VAL C 136 -24.86 -53.02 7.70
C VAL C 136 -26.26 -53.38 8.19
N ARG C 137 -27.31 -52.92 7.47
CA ARG C 137 -28.73 -53.19 7.75
C ARG C 137 -29.01 -54.69 7.74
N TYR C 138 -28.38 -55.43 6.81
CA TYR C 138 -28.52 -56.89 6.69
C TYR C 138 -27.75 -57.60 7.82
N LEU C 139 -26.49 -57.18 8.07
CA LEU C 139 -25.62 -57.74 9.11
C LEU C 139 -26.23 -57.58 10.50
N LEU C 140 -26.81 -56.40 10.80
CA LEU C 140 -27.46 -56.10 12.08
C LEU C 140 -28.74 -56.92 12.25
N HIS C 141 -29.47 -57.18 11.14
CA HIS C 141 -30.69 -57.99 11.13
C HIS C 141 -30.34 -59.45 11.44
N ARG C 142 -29.23 -59.96 10.84
CA ARG C 142 -28.73 -61.32 11.04
C ARG C 142 -28.18 -61.49 12.46
N ALA C 143 -27.57 -60.41 13.02
CA ALA C 143 -27.02 -60.39 14.38
C ALA C 143 -28.13 -60.44 15.43
N LYS C 144 -29.21 -59.65 15.24
CA LYS C 144 -30.38 -59.58 16.12
C LYS C 144 -31.09 -60.95 16.16
N LYS C 145 -31.25 -61.57 14.98
CA LYS C 145 -31.88 -62.87 14.78
C LYS C 145 -30.99 -64.01 15.31
N GLY C 146 -29.67 -63.87 15.12
CA GLY C 146 -28.67 -64.85 15.54
C GLY C 146 -28.49 -64.95 17.05
N LEU C 147 -28.29 -63.81 17.72
CA LEU C 147 -28.10 -63.71 19.18
C LEU C 147 -29.36 -64.14 19.95
N GLY C 148 -30.52 -63.69 19.48
CA GLY C 148 -31.81 -64.01 20.10
C GLY C 148 -32.61 -62.79 20.48
N MET C 149 -33.39 -62.28 19.53
CA MET C 149 -34.25 -61.11 19.72
C MET C 149 -35.59 -61.30 19.00
N ARG C 150 -36.69 -60.98 19.72
CA ARG C 150 -38.06 -61.06 19.21
C ARG C 150 -38.24 -60.04 18.06
N ARG C 151 -37.82 -58.78 18.30
CA ARG C 151 -37.86 -57.71 17.30
C ARG C 151 -36.53 -57.65 16.56
N ALA C 152 -36.45 -58.34 15.40
CA ALA C 152 -35.26 -58.42 14.55
C ALA C 152 -35.16 -57.27 13.53
N ASP C 153 -36.10 -56.31 13.60
CA ASP C 153 -36.18 -55.14 12.72
C ASP C 153 -35.08 -54.12 13.04
N VAL C 154 -34.39 -53.63 11.99
CA VAL C 154 -33.33 -52.63 12.09
C VAL C 154 -33.94 -51.23 11.92
N SER C 155 -33.86 -50.41 12.97
CA SER C 155 -34.42 -49.06 12.97
C SER C 155 -33.42 -48.02 12.45
N MET C 156 -33.93 -46.80 12.17
CA MET C 156 -33.16 -45.65 11.72
C MET C 156 -32.16 -45.24 12.80
N ALA C 157 -32.61 -45.22 14.08
CA ALA C 157 -31.81 -44.86 15.24
C ALA C 157 -30.58 -45.76 15.41
N ASN C 158 -30.74 -47.09 15.15
CA ASN C 158 -29.67 -48.09 15.19
C ASN C 158 -28.64 -47.81 14.09
N MET C 159 -29.11 -47.36 12.92
CA MET C 159 -28.28 -47.04 11.76
C MET C 159 -27.46 -45.76 11.96
N VAL C 160 -28.07 -44.73 12.59
CA VAL C 160 -27.42 -43.44 12.89
C VAL C 160 -26.28 -43.67 13.91
N LEU C 161 -26.53 -44.56 14.89
CA LEU C 161 -25.57 -44.93 15.91
C LEU C 161 -24.33 -45.59 15.28
N ILE C 162 -24.53 -46.68 14.49
CA ILE C 162 -23.46 -47.40 13.79
C ILE C 162 -22.72 -46.44 12.84
N GLY C 163 -23.48 -45.62 12.11
CA GLY C 163 -22.98 -44.61 11.19
C GLY C 163 -22.05 -43.60 11.84
N PHE C 164 -22.47 -43.01 12.97
CA PHE C 164 -21.64 -42.05 13.68
C PHE C 164 -20.36 -42.67 14.21
N PHE C 165 -20.48 -43.88 14.81
CA PHE C 165 -19.33 -44.61 15.35
C PHE C 165 -18.36 -45.08 14.28
N SER C 166 -18.86 -45.35 13.05
CA SER C 166 -18.06 -45.76 11.89
C SER C 166 -17.21 -44.59 11.42
N CYS C 167 -17.74 -43.37 11.51
CA CYS C 167 -17.04 -42.16 11.12
C CYS C 167 -15.96 -41.79 12.15
N ILE C 168 -16.24 -41.95 13.47
CA ILE C 168 -15.28 -41.70 14.56
C ILE C 168 -14.09 -42.66 14.38
N SER C 169 -14.38 -43.99 14.29
CA SER C 169 -13.41 -45.09 14.10
C SER C 169 -12.45 -44.83 12.95
N THR C 170 -12.98 -44.36 11.79
CA THR C 170 -12.20 -44.03 10.60
C THR C 170 -11.22 -42.91 10.94
N LEU C 171 -11.71 -41.83 11.61
CA LEU C 171 -10.93 -40.66 12.01
C LEU C 171 -9.84 -40.98 13.01
N CYS C 172 -10.10 -41.92 13.95
CA CYS C 172 -9.15 -42.38 14.98
C CYS C 172 -8.09 -43.30 14.39
N ILE C 173 -8.49 -44.20 13.45
CA ILE C 173 -7.60 -45.14 12.77
C ILE C 173 -6.66 -44.34 11.85
N GLY C 174 -7.24 -43.33 11.19
CA GLY C 174 -6.51 -42.41 10.33
C GLY C 174 -5.57 -41.53 11.14
N ALA C 175 -5.99 -41.11 12.34
CA ALA C 175 -5.14 -40.30 13.22
C ALA C 175 -3.96 -41.13 13.74
N ALA C 176 -4.18 -42.43 13.98
CA ALA C 176 -3.17 -43.36 14.48
C ALA C 176 -2.05 -43.59 13.46
N ALA C 177 -2.40 -43.76 12.19
CA ALA C 177 -1.46 -44.00 11.11
C ALA C 177 -0.66 -42.76 10.69
N PHE C 178 -1.35 -41.63 10.45
CA PHE C 178 -0.70 -40.39 10.00
C PHE C 178 0.21 -39.78 11.08
N SER C 179 -0.14 -39.87 12.38
CA SER C 179 0.73 -39.36 13.45
C SER C 179 2.00 -40.22 13.60
N HIS C 180 1.95 -41.46 13.06
CA HIS C 180 3.05 -42.41 13.08
C HIS C 180 4.02 -42.14 11.92
N TYR C 181 3.49 -42.10 10.68
CA TYR C 181 4.29 -41.93 9.46
C TYR C 181 4.72 -40.49 9.20
N GLU C 182 3.85 -39.51 9.48
CA GLU C 182 4.16 -38.09 9.28
C GLU C 182 4.81 -37.45 10.51
N HIS C 183 4.96 -38.22 11.60
CA HIS C 183 5.55 -37.80 12.87
C HIS C 183 4.87 -36.55 13.43
N TRP C 184 3.51 -36.57 13.41
CA TRP C 184 2.62 -35.53 13.93
C TRP C 184 2.08 -36.01 15.28
N THR C 185 1.25 -35.20 15.94
CA THR C 185 0.59 -35.57 17.19
C THR C 185 -0.75 -36.19 16.82
N PHE C 186 -1.37 -37.00 17.72
CA PHE C 186 -2.67 -37.61 17.44
C PHE C 186 -3.72 -36.56 17.11
N PHE C 187 -3.69 -35.41 17.82
CA PHE C 187 -4.59 -34.29 17.61
C PHE C 187 -4.42 -33.70 16.21
N GLN C 188 -3.15 -33.47 15.77
CA GLN C 188 -2.81 -32.91 14.45
C GLN C 188 -3.28 -33.82 13.32
N ALA C 189 -2.99 -35.14 13.44
CA ALA C 189 -3.39 -36.17 12.48
C ALA C 189 -4.92 -36.35 12.45
N TYR C 190 -5.59 -36.20 13.62
CA TYR C 190 -7.05 -36.29 13.75
C TYR C 190 -7.69 -35.11 13.04
N TYR C 191 -7.13 -33.89 13.26
CA TYR C 191 -7.57 -32.65 12.64
C TYR C 191 -7.38 -32.73 11.11
N TYR C 192 -6.25 -33.32 10.66
CA TYR C 192 -5.97 -33.54 9.24
C TYR C 192 -7.02 -34.45 8.62
N CYS C 193 -7.30 -35.61 9.26
CA CYS C 193 -8.30 -36.56 8.82
C CYS C 193 -9.69 -35.96 8.74
N PHE C 194 -10.05 -35.14 9.74
CA PHE C 194 -11.36 -34.47 9.77
C PHE C 194 -11.51 -33.53 8.56
N ILE C 195 -10.54 -32.61 8.39
CA ILE C 195 -10.49 -31.61 7.31
C ILE C 195 -10.42 -32.29 5.91
N THR C 196 -9.78 -33.47 5.82
CA THR C 196 -9.68 -34.23 4.57
C THR C 196 -11.02 -34.87 4.19
N LEU C 197 -11.58 -35.69 5.10
CA LEU C 197 -12.82 -36.46 4.89
C LEU C 197 -14.10 -35.60 4.85
N THR C 198 -14.00 -34.29 5.17
CA THR C 198 -15.14 -33.36 5.07
C THR C 198 -14.99 -32.53 3.79
N THR C 199 -13.97 -32.85 2.95
CA THR C 199 -13.59 -32.22 1.68
C THR C 199 -13.22 -30.73 1.85
N ILE C 200 -12.90 -30.29 3.09
CA ILE C 200 -12.50 -28.90 3.36
C ILE C 200 -11.11 -28.69 2.75
N GLY C 201 -10.15 -29.53 3.17
CA GLY C 201 -8.77 -29.55 2.71
C GLY C 201 -8.07 -28.22 2.65
N PHE C 202 -7.79 -27.62 3.83
CA PHE C 202 -7.08 -26.33 3.92
C PHE C 202 -5.70 -26.41 3.26
N GLY C 203 -4.98 -27.50 3.54
CA GLY C 203 -3.65 -27.74 3.00
C GLY C 203 -2.56 -27.46 4.01
N ASP C 204 -2.95 -27.08 5.25
CA ASP C 204 -2.02 -26.79 6.35
C ASP C 204 -1.35 -28.07 6.83
N TYR C 205 -2.02 -29.21 6.59
CA TYR C 205 -1.56 -30.57 6.86
C TYR C 205 -1.87 -31.37 5.60
N VAL C 206 -0.82 -31.90 4.98
CA VAL C 206 -0.95 -32.71 3.75
C VAL C 206 -0.05 -33.90 3.94
N ALA C 207 -0.60 -35.12 3.78
CA ALA C 207 0.20 -36.33 3.86
C ALA C 207 0.99 -36.49 2.55
N LEU C 208 1.99 -37.38 2.53
CA LEU C 208 2.87 -37.68 1.38
C LEU C 208 3.72 -36.46 0.94
N GLN C 209 3.95 -35.51 1.87
CA GLN C 209 4.72 -34.29 1.59
C GLN C 209 6.04 -34.20 2.36
N LYS C 210 6.38 -35.24 3.14
CA LYS C 210 7.64 -35.30 3.89
C LYS C 210 8.50 -36.46 3.39
N ASP C 211 9.84 -36.27 3.41
CA ASP C 211 10.88 -37.25 3.06
C ASP C 211 10.70 -37.93 1.67
N GLN C 212 10.21 -37.14 0.68
CA GLN C 212 9.96 -37.55 -0.71
C GLN C 212 9.10 -38.83 -0.80
N ALA C 213 8.05 -38.91 0.05
CA ALA C 213 7.12 -40.04 0.20
C ALA C 213 6.43 -40.51 -1.08
N LEU C 214 6.11 -39.57 -1.99
CA LEU C 214 5.45 -39.86 -3.28
C LEU C 214 6.31 -40.72 -4.19
N GLN C 215 7.64 -40.51 -4.17
CA GLN C 215 8.58 -41.24 -5.00
C GLN C 215 9.19 -42.45 -4.29
N THR C 216 9.57 -42.31 -2.99
CA THR C 216 10.27 -43.33 -2.21
C THR C 216 9.42 -44.29 -1.35
N GLN C 217 8.22 -43.88 -0.89
CA GLN C 217 7.37 -44.74 -0.04
C GLN C 217 6.04 -45.10 -0.72
N PRO C 218 6.00 -46.08 -1.68
CA PRO C 218 4.74 -46.42 -2.35
C PRO C 218 3.69 -47.06 -1.46
N GLN C 219 4.11 -47.82 -0.43
CA GLN C 219 3.23 -48.51 0.51
C GLN C 219 2.40 -47.48 1.30
N TYR C 220 3.04 -46.39 1.77
CA TYR C 220 2.38 -45.30 2.50
C TYR C 220 1.48 -44.50 1.55
N VAL C 221 1.88 -44.38 0.26
CA VAL C 221 1.13 -43.68 -0.80
C VAL C 221 -0.16 -44.45 -1.08
N ALA C 222 -0.05 -45.80 -1.23
CA ALA C 222 -1.15 -46.73 -1.48
C ALA C 222 -2.16 -46.65 -0.33
N PHE C 223 -1.67 -46.76 0.93
CA PHE C 223 -2.49 -46.65 2.14
C PHE C 223 -3.23 -45.30 2.19
N SER C 224 -2.51 -44.17 1.95
CA SER C 224 -3.08 -42.83 1.98
C SER C 224 -4.19 -42.70 0.95
N PHE C 225 -3.97 -43.24 -0.26
CA PHE C 225 -4.96 -43.23 -1.33
C PHE C 225 -6.17 -44.11 -0.96
N VAL C 226 -5.92 -45.24 -0.27
CA VAL C 226 -6.99 -46.15 0.17
C VAL C 226 -7.81 -45.49 1.28
N TYR C 227 -7.13 -44.89 2.29
CA TYR C 227 -7.77 -44.21 3.41
C TYR C 227 -8.66 -43.06 2.96
N ILE C 228 -8.17 -42.22 2.03
CA ILE C 228 -8.93 -41.07 1.51
C ILE C 228 -10.22 -41.55 0.85
N LEU C 229 -10.11 -42.52 -0.06
CA LEU C 229 -11.25 -43.06 -0.80
C LEU C 229 -12.23 -43.86 0.06
N THR C 230 -11.74 -44.73 0.97
CA THR C 230 -12.63 -45.51 1.84
C THR C 230 -13.27 -44.63 2.91
N GLY C 231 -12.49 -43.70 3.46
CA GLY C 231 -12.92 -42.75 4.48
C GLY C 231 -14.03 -41.85 4.00
N LEU C 232 -13.94 -41.38 2.74
CA LEU C 232 -14.94 -40.53 2.10
C LEU C 232 -16.24 -41.29 1.85
N THR C 233 -16.15 -42.63 1.68
CA THR C 233 -17.31 -43.49 1.48
C THR C 233 -18.07 -43.63 2.81
N VAL C 234 -17.34 -43.69 3.95
CA VAL C 234 -17.91 -43.80 5.30
C VAL C 234 -18.68 -42.50 5.64
N ILE C 235 -18.06 -41.33 5.36
CA ILE C 235 -18.66 -40.01 5.55
C ILE C 235 -19.83 -39.84 4.57
N GLY C 236 -19.64 -40.29 3.33
CA GLY C 236 -20.64 -40.27 2.27
C GLY C 236 -21.88 -41.06 2.62
N ALA C 237 -21.69 -42.26 3.21
CA ALA C 237 -22.77 -43.16 3.66
C ALA C 237 -23.57 -42.52 4.79
N PHE C 238 -22.89 -41.78 5.69
CA PHE C 238 -23.52 -41.10 6.82
C PHE C 238 -24.37 -39.92 6.37
N LEU C 239 -23.89 -39.16 5.35
CA LEU C 239 -24.64 -38.04 4.77
C LEU C 239 -25.86 -38.59 4.04
N ASN C 240 -25.70 -39.72 3.33
CA ASN C 240 -26.77 -40.42 2.59
C ASN C 240 -27.92 -40.82 3.51
N LEU C 241 -27.58 -41.23 4.75
CA LEU C 241 -28.51 -41.67 5.78
C LEU C 241 -29.26 -40.53 6.46
N VAL C 242 -28.54 -39.51 6.95
CA VAL C 242 -29.11 -38.41 7.72
C VAL C 242 -29.41 -37.14 6.91
N VAL C 243 -28.46 -36.67 6.07
CA VAL C 243 -28.57 -35.38 5.36
C VAL C 243 -29.34 -35.46 4.02
N LEU C 244 -29.05 -36.46 3.15
CA LEU C 244 -29.65 -36.61 1.81
C LEU C 244 -31.18 -36.63 1.76
N ARG C 245 -31.84 -37.16 2.81
CA ARG C 245 -33.32 -37.22 2.90
C ARG C 245 -33.97 -35.82 2.93
N PHE C 246 -33.33 -34.85 3.63
CA PHE C 246 -33.81 -33.47 3.76
C PHE C 246 -33.68 -32.63 2.49
N MET C 247 -32.81 -33.05 1.55
CA MET C 247 -32.56 -32.34 0.30
C MET C 247 -33.69 -32.54 -0.72
N THR C 248 -34.26 -33.76 -0.77
CA THR C 248 -35.36 -34.14 -1.66
C THR C 248 -36.73 -33.65 -1.13
N MET C 249 -36.79 -33.34 0.18
CA MET C 249 -37.95 -32.85 0.94
C MET C 249 -38.63 -31.62 0.31
N ASN C 250 -37.84 -30.66 -0.20
CA ASN C 250 -38.33 -29.43 -0.84
C ASN C 250 -39.11 -29.73 -2.13
N ALA C 251 -38.67 -30.76 -2.88
CA ALA C 251 -39.29 -31.23 -4.11
C ALA C 251 -40.55 -32.06 -3.81
N GLU C 252 -40.54 -32.81 -2.68
CA GLU C 252 -41.64 -33.65 -2.22
C GLU C 252 -42.88 -32.82 -1.88
N ASP C 253 -42.67 -31.65 -1.22
CA ASP C 253 -43.73 -30.72 -0.84
C ASP C 253 -44.36 -30.06 -2.06
N GLU C 254 -43.55 -29.74 -3.09
CA GLU C 254 -44.00 -29.16 -4.36
C GLU C 254 -44.77 -30.23 -5.17
N LYS C 255 -44.35 -31.51 -5.05
CA LYS C 255 -45.00 -32.67 -5.68
C LYS C 255 -46.38 -32.88 -5.04
N ARG C 256 -46.45 -32.68 -3.70
CA ARG C 256 -47.67 -32.80 -2.90
C ARG C 256 -48.68 -31.69 -3.27
N ASP C 257 -48.15 -30.51 -3.69
CA ASP C 257 -48.92 -29.34 -4.12
C ASP C 257 -49.39 -29.53 -5.56
N MET D 1 -25.89 -60.85 -11.34
CA MET D 1 -25.78 -59.72 -10.41
C MET D 1 -26.98 -58.78 -10.48
N LYS D 2 -27.34 -58.19 -9.33
CA LYS D 2 -28.43 -57.21 -9.21
C LYS D 2 -28.01 -55.91 -9.91
N ARG D 3 -28.99 -55.12 -10.38
CA ARG D 3 -28.79 -53.84 -11.09
C ARG D 3 -27.99 -52.83 -10.25
N GLN D 4 -28.21 -52.83 -8.93
CA GLN D 4 -27.55 -51.96 -7.94
C GLN D 4 -26.04 -52.24 -7.89
N ASN D 5 -25.68 -53.54 -7.76
CA ASN D 5 -24.28 -53.98 -7.68
C ASN D 5 -23.52 -53.79 -8.99
N VAL D 6 -24.22 -53.91 -10.15
CA VAL D 6 -23.61 -53.69 -11.46
C VAL D 6 -23.27 -52.19 -11.58
N ARG D 7 -24.25 -51.31 -11.23
CA ARG D 7 -24.12 -49.86 -11.26
C ARG D 7 -22.97 -49.36 -10.37
N THR D 8 -22.92 -49.86 -9.10
CA THR D 8 -21.89 -49.50 -8.12
C THR D 8 -20.49 -49.91 -8.61
N LEU D 9 -20.33 -51.15 -9.10
CA LEU D 9 -19.05 -51.64 -9.64
C LEU D 9 -18.61 -50.86 -10.88
N ALA D 10 -19.57 -50.53 -11.77
CA ALA D 10 -19.32 -49.75 -12.99
C ALA D 10 -18.77 -48.38 -12.61
N LEU D 11 -19.38 -47.72 -11.60
CA LEU D 11 -18.96 -46.41 -11.10
C LEU D 11 -17.56 -46.45 -10.48
N ILE D 12 -17.21 -47.52 -9.73
CA ILE D 12 -15.90 -47.73 -9.11
C ILE D 12 -14.84 -47.87 -10.22
N VAL D 13 -15.12 -48.73 -11.23
CA VAL D 13 -14.24 -48.94 -12.39
C VAL D 13 -14.08 -47.62 -13.17
N CYS D 14 -15.18 -46.86 -13.34
CA CYS D 14 -15.20 -45.57 -14.02
C CYS D 14 -14.31 -44.55 -13.32
N THR D 15 -14.49 -44.37 -11.99
CA THR D 15 -13.73 -43.44 -11.16
C THR D 15 -12.23 -43.76 -11.17
N PHE D 16 -11.88 -45.05 -11.00
CA PHE D 16 -10.48 -45.47 -10.99
C PHE D 16 -9.79 -45.31 -12.34
N THR D 17 -10.52 -45.54 -13.45
CA THR D 17 -9.96 -45.34 -14.79
C THR D 17 -9.84 -43.84 -15.09
N TYR D 18 -10.80 -43.03 -14.58
CA TYR D 18 -10.83 -41.56 -14.71
C TYR D 18 -9.63 -40.96 -13.97
N LEU D 19 -9.23 -41.58 -12.85
CA LEU D 19 -8.08 -41.19 -12.06
C LEU D 19 -6.77 -41.49 -12.81
N LEU D 20 -6.66 -42.70 -13.41
CA LEU D 20 -5.48 -43.14 -14.17
C LEU D 20 -5.28 -42.25 -15.39
N VAL D 21 -6.38 -41.95 -16.12
CA VAL D 21 -6.41 -41.08 -17.31
C VAL D 21 -6.00 -39.64 -16.91
N GLY D 22 -6.57 -39.16 -15.80
CA GLY D 22 -6.27 -37.83 -15.25
C GLY D 22 -4.80 -37.71 -14.89
N ALA D 23 -4.28 -38.71 -14.13
CA ALA D 23 -2.87 -38.78 -13.72
C ALA D 23 -1.95 -38.77 -14.94
N ALA D 24 -2.34 -39.48 -16.03
CA ALA D 24 -1.59 -39.55 -17.27
C ALA D 24 -1.55 -38.18 -17.99
N VAL D 25 -2.69 -37.47 -18.04
CA VAL D 25 -2.79 -36.14 -18.69
C VAL D 25 -2.05 -35.07 -17.87
N PHE D 26 -2.27 -35.04 -16.53
CA PHE D 26 -1.61 -34.07 -15.63
C PHE D 26 -0.09 -34.23 -15.63
N ASP D 27 0.40 -35.45 -15.89
CA ASP D 27 1.82 -35.78 -16.01
C ASP D 27 2.34 -35.10 -17.29
N ALA D 28 1.68 -35.36 -18.44
CA ALA D 28 2.01 -34.83 -19.76
C ALA D 28 1.99 -33.29 -19.83
N LEU D 29 1.14 -32.64 -19.03
CA LEU D 29 1.01 -31.18 -19.01
C LEU D 29 1.88 -30.46 -17.98
N GLU D 30 2.17 -31.11 -16.82
CA GLU D 30 2.89 -30.43 -15.74
C GLU D 30 4.27 -30.99 -15.36
N SER D 31 4.64 -32.22 -15.77
CA SER D 31 5.95 -32.82 -15.42
C SER D 31 7.15 -31.99 -15.86
N GLU D 32 7.32 -31.75 -17.19
CA GLU D 32 8.44 -30.96 -17.73
C GLU D 32 8.45 -29.50 -17.23
N PRO D 33 7.31 -28.74 -17.19
CA PRO D 33 7.37 -27.36 -16.66
C PRO D 33 7.86 -27.27 -15.20
N GLU D 34 7.49 -28.27 -14.37
CA GLU D 34 7.89 -28.37 -12.96
C GLU D 34 9.39 -28.61 -12.83
N LEU D 35 9.96 -29.50 -13.66
CA LEU D 35 11.38 -29.82 -13.68
C LEU D 35 12.18 -28.58 -14.08
N ILE D 36 11.70 -27.86 -15.11
CA ILE D 36 12.25 -26.61 -15.65
C ILE D 36 12.26 -25.53 -14.55
N GLU D 37 11.12 -25.38 -13.85
CA GLU D 37 10.96 -24.40 -12.77
C GLU D 37 11.84 -24.73 -11.57
N ARG D 38 11.91 -26.03 -11.19
CA ARG D 38 12.72 -26.49 -10.07
C ARG D 38 14.20 -26.18 -10.28
N GLN D 39 14.71 -26.37 -11.51
CA GLN D 39 16.11 -26.10 -11.84
C GLN D 39 16.45 -24.61 -11.81
N ARG D 40 15.61 -23.76 -12.44
CA ARG D 40 15.80 -22.31 -12.48
C ARG D 40 15.80 -21.68 -11.08
N LEU D 41 14.92 -22.17 -10.18
CA LEU D 41 14.81 -21.71 -8.80
C LEU D 41 16.00 -22.11 -7.94
N GLU D 42 16.43 -23.38 -8.09
CA GLU D 42 17.60 -23.92 -7.36
C GLU D 42 18.89 -23.20 -7.76
N LEU D 43 18.90 -22.58 -8.97
CA LEU D 43 20.01 -21.77 -9.47
C LEU D 43 19.98 -20.42 -8.76
N ARG D 44 18.78 -19.81 -8.68
CA ARG D 44 18.55 -18.53 -8.03
C ARG D 44 18.79 -18.62 -6.51
N GLN D 45 18.51 -19.79 -5.90
CA GLN D 45 18.75 -20.04 -4.48
C GLN D 45 20.25 -20.06 -4.19
N GLN D 46 21.04 -20.72 -5.05
CA GLN D 46 22.50 -20.82 -4.94
C GLN D 46 23.15 -19.46 -5.17
N GLU D 47 22.69 -18.73 -6.22
CA GLU D 47 23.21 -17.41 -6.61
C GLU D 47 22.98 -16.35 -5.52
N LEU D 48 21.74 -16.29 -4.97
CA LEU D 48 21.37 -15.35 -3.91
C LEU D 48 22.16 -15.61 -2.62
N ARG D 49 22.32 -16.89 -2.23
CA ARG D 49 23.06 -17.31 -1.03
C ARG D 49 24.54 -16.95 -1.09
N ALA D 50 25.11 -16.96 -2.30
CA ALA D 50 26.51 -16.61 -2.54
C ALA D 50 26.72 -15.10 -2.44
N ARG D 51 25.79 -14.29 -2.99
CA ARG D 51 25.87 -12.82 -3.00
C ARG D 51 25.80 -12.20 -1.60
N TYR D 52 25.02 -12.79 -0.69
CA TYR D 52 24.83 -12.25 0.66
C TYR D 52 25.50 -13.07 1.77
N ASN D 53 26.50 -13.92 1.39
CA ASN D 53 27.29 -14.79 2.27
C ASN D 53 26.40 -15.58 3.26
N LEU D 54 25.60 -16.50 2.70
CA LEU D 54 24.65 -17.33 3.47
C LEU D 54 25.01 -18.80 3.44
N SER D 55 25.11 -19.40 4.63
CA SER D 55 25.43 -20.82 4.83
C SER D 55 24.15 -21.67 4.74
N GLN D 56 24.29 -23.01 4.88
CA GLN D 56 23.17 -23.96 4.87
C GLN D 56 22.21 -23.70 6.03
N GLY D 57 22.78 -23.40 7.21
CA GLY D 57 22.05 -23.08 8.42
C GLY D 57 21.43 -21.68 8.39
N GLY D 58 22.16 -20.73 7.81
CA GLY D 58 21.77 -19.34 7.66
C GLY D 58 20.55 -19.14 6.78
N TYR D 59 20.48 -19.92 5.68
CA TYR D 59 19.36 -19.91 4.74
C TYR D 59 18.14 -20.57 5.37
N GLU D 60 18.33 -21.73 6.05
CA GLU D 60 17.28 -22.49 6.73
C GLU D 60 16.55 -21.67 7.79
N GLU D 61 17.30 -20.82 8.55
CA GLU D 61 16.76 -19.92 9.58
C GLU D 61 15.86 -18.87 8.94
N LEU D 62 16.29 -18.30 7.80
CA LEU D 62 15.52 -17.30 7.03
C LEU D 62 14.33 -17.94 6.32
N GLU D 63 14.44 -19.24 6.00
CA GLU D 63 13.42 -20.04 5.32
C GLU D 63 12.18 -20.19 6.19
N ARG D 64 12.36 -20.49 7.49
CA ARG D 64 11.27 -20.67 8.46
C ARG D 64 10.45 -19.38 8.65
N VAL D 65 11.13 -18.23 8.76
CA VAL D 65 10.53 -16.91 8.95
C VAL D 65 9.66 -16.47 7.76
N VAL D 66 10.19 -16.62 6.52
CA VAL D 66 9.50 -16.27 5.27
C VAL D 66 8.21 -17.08 5.11
N LEU D 67 8.27 -18.41 5.40
CA LEU D 67 7.14 -19.32 5.31
C LEU D 67 6.07 -19.02 6.35
N ARG D 68 6.48 -18.73 7.61
CA ARG D 68 5.59 -18.40 8.72
C ARG D 68 4.93 -17.01 8.57
N LEU D 69 5.61 -16.08 7.85
CA LEU D 69 5.10 -14.72 7.61
C LEU D 69 4.13 -14.63 6.43
N LYS D 70 4.08 -15.69 5.58
CA LYS D 70 3.20 -15.76 4.40
C LYS D 70 1.71 -15.47 4.71
N PRO D 71 1.06 -16.08 5.75
CA PRO D 71 -0.35 -15.73 6.02
C PRO D 71 -0.56 -14.32 6.58
N HIS D 72 0.51 -13.73 7.16
CA HIS D 72 0.51 -12.38 7.73
C HIS D 72 0.71 -11.30 6.67
N LYS D 73 1.40 -11.65 5.55
CA LYS D 73 1.71 -10.77 4.41
C LYS D 73 0.47 -10.08 3.83
N ALA D 74 -0.65 -10.82 3.72
CA ALA D 74 -1.94 -10.33 3.22
C ALA D 74 -2.60 -9.31 4.18
N GLY D 75 -2.17 -9.33 5.45
CA GLY D 75 -2.68 -8.46 6.50
C GLY D 75 -3.38 -9.24 7.60
N VAL D 76 -4.26 -8.55 8.37
CA VAL D 76 -5.04 -9.16 9.46
C VAL D 76 -6.09 -10.07 8.82
N GLN D 77 -5.95 -11.37 9.07
CA GLN D 77 -6.80 -12.42 8.51
C GLN D 77 -7.80 -12.98 9.53
N TRP D 78 -7.80 -12.46 10.79
CA TRP D 78 -8.65 -13.02 11.84
C TRP D 78 -9.58 -12.04 12.56
N ARG D 79 -9.83 -10.83 12.03
CA ARG D 79 -10.80 -9.95 12.70
C ARG D 79 -12.21 -10.37 12.22
N PHE D 80 -13.25 -9.50 12.32
CA PHE D 80 -14.59 -9.92 11.91
C PHE D 80 -14.70 -10.33 10.44
N ALA D 81 -14.22 -9.50 9.51
CA ALA D 81 -14.24 -9.77 8.07
C ALA D 81 -13.46 -11.03 7.70
N GLY D 82 -12.27 -11.18 8.28
CA GLY D 82 -11.37 -12.32 8.07
C GLY D 82 -11.93 -13.63 8.59
N SER D 83 -12.61 -13.58 9.77
CA SER D 83 -13.24 -14.74 10.40
C SER D 83 -14.51 -15.14 9.67
N PHE D 84 -15.31 -14.15 9.19
CA PHE D 84 -16.54 -14.40 8.43
C PHE D 84 -16.21 -15.08 7.12
N TYR D 85 -15.12 -14.60 6.44
CA TYR D 85 -14.60 -15.15 5.19
C TYR D 85 -14.13 -16.59 5.43
N PHE D 86 -13.46 -16.83 6.58
CA PHE D 86 -12.99 -18.16 6.99
C PHE D 86 -14.16 -19.09 7.31
N ALA D 87 -15.18 -18.57 8.02
CA ALA D 87 -16.39 -19.32 8.37
C ALA D 87 -17.09 -19.81 7.09
N ILE D 88 -17.10 -18.98 6.01
CA ILE D 88 -17.65 -19.35 4.70
C ILE D 88 -16.89 -20.58 4.16
N THR D 89 -15.54 -20.49 4.07
CA THR D 89 -14.65 -21.54 3.55
C THR D 89 -14.79 -22.88 4.28
N VAL D 90 -15.21 -22.87 5.57
CA VAL D 90 -15.40 -24.08 6.37
C VAL D 90 -16.72 -24.79 6.01
N ILE D 91 -17.86 -24.13 6.27
CA ILE D 91 -19.22 -24.66 6.07
C ILE D 91 -19.54 -24.95 4.58
N THR D 92 -18.94 -24.20 3.63
CA THR D 92 -19.15 -24.43 2.20
C THR D 92 -18.16 -25.46 1.63
N THR D 93 -17.20 -25.91 2.46
CA THR D 93 -16.12 -26.89 2.17
C THR D 93 -15.13 -26.40 1.10
N ILE D 94 -15.04 -25.08 0.85
CA ILE D 94 -14.09 -24.50 -0.11
C ILE D 94 -12.68 -24.66 0.48
N GLY D 95 -12.50 -24.18 1.72
CA GLY D 95 -11.28 -24.25 2.51
C GLY D 95 -9.98 -23.96 1.77
N TYR D 96 -9.78 -22.67 1.39
CA TYR D 96 -8.58 -22.22 0.67
C TYR D 96 -7.29 -22.53 1.43
N GLY D 97 -7.32 -22.32 2.75
CA GLY D 97 -6.17 -22.53 3.61
C GLY D 97 -5.25 -21.33 3.70
N HIS D 98 -5.71 -20.18 3.17
CA HIS D 98 -5.00 -18.88 3.19
C HIS D 98 -4.86 -18.46 4.64
N ALA D 99 -5.90 -18.79 5.44
CA ALA D 99 -6.02 -18.59 6.88
C ALA D 99 -6.56 -19.90 7.45
N ALA D 100 -5.84 -20.45 8.42
CA ALA D 100 -6.19 -21.70 9.09
C ALA D 100 -6.02 -21.52 10.62
N PRO D 101 -6.83 -22.20 11.47
CA PRO D 101 -6.68 -22.00 12.92
C PRO D 101 -5.29 -22.35 13.44
N SER D 102 -4.60 -21.36 14.00
CA SER D 102 -3.25 -21.52 14.53
C SER D 102 -3.24 -22.07 15.97
N THR D 103 -4.39 -21.96 16.68
CA THR D 103 -4.54 -22.45 18.05
C THR D 103 -5.30 -23.78 18.11
N ASP D 104 -5.01 -24.57 19.16
CA ASP D 104 -5.64 -25.86 19.44
C ASP D 104 -7.15 -25.70 19.66
N GLY D 105 -7.55 -24.64 20.36
CA GLY D 105 -8.94 -24.30 20.62
C GLY D 105 -9.70 -23.91 19.36
N GLY D 106 -9.01 -23.20 18.47
CA GLY D 106 -9.54 -22.78 17.17
C GLY D 106 -9.77 -23.97 16.28
N LYS D 107 -8.83 -24.95 16.30
CA LYS D 107 -8.89 -26.20 15.53
C LYS D 107 -10.06 -27.08 16.00
N VAL D 108 -10.30 -27.13 17.34
CA VAL D 108 -11.39 -27.90 17.98
C VAL D 108 -12.74 -27.29 17.60
N PHE D 109 -12.92 -25.97 17.84
CA PHE D 109 -14.16 -25.28 17.50
C PHE D 109 -14.47 -25.41 16.00
N CYS D 110 -13.42 -25.35 15.15
CA CYS D 110 -13.52 -25.51 13.69
C CYS D 110 -14.12 -26.86 13.30
N MET D 111 -13.73 -27.95 14.00
CA MET D 111 -14.24 -29.30 13.75
C MET D 111 -15.72 -29.43 14.12
N PHE D 112 -16.12 -28.95 15.31
CA PHE D 112 -17.50 -28.96 15.77
C PHE D 112 -18.38 -28.05 14.88
N TYR D 113 -17.81 -26.89 14.46
CA TYR D 113 -18.45 -25.89 13.61
C TYR D 113 -18.76 -26.46 12.23
N ALA D 114 -17.85 -27.28 11.68
CA ALA D 114 -18.00 -27.94 10.39
C ALA D 114 -19.00 -29.09 10.47
N LEU D 115 -18.93 -29.91 11.55
CA LEU D 115 -19.80 -31.06 11.82
C LEU D 115 -21.28 -30.74 11.68
N LEU D 116 -21.71 -29.58 12.21
CA LEU D 116 -23.08 -29.10 12.17
C LEU D 116 -23.33 -28.12 10.98
N GLY D 117 -22.30 -27.36 10.61
CA GLY D 117 -22.35 -26.37 9.54
C GLY D 117 -22.50 -26.92 8.14
N ILE D 118 -21.59 -27.83 7.72
CA ILE D 118 -21.62 -28.46 6.38
C ILE D 118 -23.03 -29.05 6.08
N PRO D 119 -23.67 -29.88 6.95
CA PRO D 119 -25.02 -30.37 6.64
C PRO D 119 -26.04 -29.24 6.45
N LEU D 120 -26.03 -28.24 7.36
CA LEU D 120 -26.90 -27.06 7.32
C LEU D 120 -26.73 -26.28 6.01
N THR D 121 -25.47 -26.08 5.56
CA THR D 121 -25.12 -25.36 4.33
C THR D 121 -25.55 -26.13 3.08
N LEU D 122 -25.33 -27.46 3.05
CA LEU D 122 -25.71 -28.36 1.95
C LEU D 122 -27.22 -28.37 1.74
N VAL D 123 -27.97 -28.58 2.84
CA VAL D 123 -29.44 -28.60 2.85
C VAL D 123 -29.97 -27.22 2.38
N MET D 124 -29.40 -26.12 2.92
CA MET D 124 -29.75 -24.74 2.56
C MET D 124 -29.55 -24.48 1.06
N PHE D 125 -28.41 -24.92 0.49
CA PHE D 125 -28.11 -24.74 -0.93
C PHE D 125 -28.99 -25.58 -1.85
N GLN D 126 -29.41 -26.78 -1.39
CA GLN D 126 -30.30 -27.64 -2.18
C GLN D 126 -31.74 -27.14 -2.12
N SER D 127 -32.14 -26.57 -0.96
CA SER D 127 -33.47 -26.00 -0.76
C SER D 127 -33.63 -24.72 -1.58
N LEU D 128 -32.65 -23.78 -1.48
CA LEU D 128 -32.64 -22.52 -2.22
C LEU D 128 -32.48 -22.76 -3.73
N GLY D 129 -31.68 -23.76 -4.08
CA GLY D 129 -31.43 -24.18 -5.45
C GLY D 129 -32.68 -24.69 -6.15
N GLU D 130 -33.52 -25.44 -5.41
CA GLU D 130 -34.80 -25.98 -5.86
C GLU D 130 -35.80 -24.84 -6.11
N ARG D 131 -35.85 -23.84 -5.20
CA ARG D 131 -36.73 -22.67 -5.32
C ARG D 131 -36.41 -21.84 -6.56
N ILE D 132 -35.10 -21.74 -6.91
CA ILE D 132 -34.62 -21.04 -8.10
C ILE D 132 -35.12 -21.78 -9.35
N ASN D 133 -34.98 -23.13 -9.37
CA ASN D 133 -35.44 -24.00 -10.45
C ASN D 133 -36.97 -23.93 -10.62
N THR D 134 -37.71 -23.91 -9.48
CA THR D 134 -39.17 -23.81 -9.48
C THR D 134 -39.62 -22.45 -10.03
N LEU D 135 -38.86 -21.37 -9.73
CA LEU D 135 -39.13 -20.02 -10.21
C LEU D 135 -38.88 -19.94 -11.73
N VAL D 136 -37.75 -20.51 -12.20
CA VAL D 136 -37.36 -20.57 -13.61
C VAL D 136 -38.41 -21.35 -14.40
N ARG D 137 -38.84 -22.52 -13.87
CA ARG D 137 -39.86 -23.39 -14.45
C ARG D 137 -41.19 -22.64 -14.62
N TYR D 138 -41.55 -21.78 -13.63
CA TYR D 138 -42.76 -20.97 -13.65
C TYR D 138 -42.62 -19.81 -14.65
N LEU D 139 -41.48 -19.09 -14.61
CA LEU D 139 -41.19 -17.95 -15.48
C LEU D 139 -41.17 -18.36 -16.96
N LEU D 140 -40.57 -19.53 -17.27
CA LEU D 140 -40.50 -20.07 -18.63
C LEU D 140 -41.88 -20.51 -19.12
N HIS D 141 -42.74 -21.02 -18.22
CA HIS D 141 -44.12 -21.44 -18.51
C HIS D 141 -44.96 -20.20 -18.85
N ARG D 142 -44.78 -19.11 -18.07
CA ARG D 142 -45.48 -17.83 -18.27
C ARG D 142 -45.01 -17.15 -19.56
N ALA D 143 -43.70 -17.30 -19.90
CA ALA D 143 -43.08 -16.75 -21.12
C ALA D 143 -43.62 -17.44 -22.37
N LYS D 144 -43.70 -18.80 -22.34
CA LYS D 144 -44.21 -19.64 -23.45
C LYS D 144 -45.68 -19.31 -23.72
N LYS D 145 -46.47 -19.16 -22.65
CA LYS D 145 -47.90 -18.83 -22.69
C LYS D 145 -48.13 -17.37 -23.12
N GLY D 146 -47.25 -16.49 -22.65
CA GLY D 146 -47.30 -15.05 -22.92
C GLY D 146 -47.00 -14.68 -24.36
N LEU D 147 -45.86 -15.17 -24.89
CA LEU D 147 -45.39 -14.93 -26.26
C LEU D 147 -46.35 -15.52 -27.31
N GLY D 148 -46.81 -16.75 -27.06
CA GLY D 148 -47.74 -17.44 -27.95
C GLY D 148 -47.22 -18.79 -28.40
N MET D 149 -47.49 -19.83 -27.60
CA MET D 149 -47.11 -21.21 -27.86
C MET D 149 -48.22 -22.15 -27.40
N ARG D 150 -48.60 -23.12 -28.27
CA ARG D 150 -49.62 -24.12 -27.96
C ARG D 150 -49.14 -25.02 -26.80
N ARG D 151 -47.90 -25.52 -26.90
CA ARG D 151 -47.27 -26.33 -25.87
C ARG D 151 -46.47 -25.44 -24.91
N ALA D 152 -47.11 -25.01 -23.80
CA ALA D 152 -46.50 -24.15 -22.77
C ALA D 152 -45.73 -24.95 -21.72
N ASP D 153 -45.71 -26.31 -21.85
CA ASP D 153 -45.01 -27.22 -20.94
C ASP D 153 -43.50 -27.04 -20.99
N VAL D 154 -42.89 -26.93 -19.79
CA VAL D 154 -41.45 -26.75 -19.59
C VAL D 154 -40.79 -28.13 -19.45
N SER D 155 -39.92 -28.48 -20.41
CA SER D 155 -39.22 -29.76 -20.43
C SER D 155 -37.93 -29.73 -19.64
N MET D 156 -37.36 -30.92 -19.39
CA MET D 156 -36.10 -31.12 -18.69
C MET D 156 -34.94 -30.51 -19.51
N ALA D 157 -34.97 -30.71 -20.84
CA ALA D 157 -33.98 -30.19 -21.78
C ALA D 157 -33.90 -28.66 -21.74
N ASN D 158 -35.05 -27.97 -21.62
CA ASN D 158 -35.15 -26.50 -21.51
C ASN D 158 -34.50 -26.03 -20.20
N MET D 159 -34.68 -26.81 -19.12
CA MET D 159 -34.13 -26.53 -17.79
C MET D 159 -32.62 -26.71 -17.73
N VAL D 160 -32.08 -27.74 -18.39
CA VAL D 160 -30.63 -28.04 -18.46
C VAL D 160 -29.92 -26.92 -19.23
N LEU D 161 -30.57 -26.42 -20.30
CA LEU D 161 -30.07 -25.33 -21.14
C LEU D 161 -29.93 -24.04 -20.31
N ILE D 162 -31.02 -23.60 -19.64
CA ILE D 162 -31.03 -22.42 -18.78
C ILE D 162 -29.99 -22.58 -17.65
N GLY D 163 -29.93 -23.76 -17.03
CA GLY D 163 -28.96 -24.07 -15.99
C GLY D 163 -27.53 -23.94 -16.45
N PHE D 164 -27.18 -24.57 -17.60
CA PHE D 164 -25.85 -24.53 -18.20
C PHE D 164 -25.42 -23.09 -18.45
N PHE D 165 -26.29 -22.28 -19.11
CA PHE D 165 -26.06 -20.86 -19.39
C PHE D 165 -25.93 -20.03 -18.11
N SER D 166 -26.71 -20.36 -17.06
CA SER D 166 -26.69 -19.68 -15.75
C SER D 166 -25.33 -19.82 -15.08
N CYS D 167 -24.73 -21.02 -15.15
CA CYS D 167 -23.41 -21.30 -14.58
C CYS D 167 -22.31 -20.54 -15.30
N ILE D 168 -22.35 -20.53 -16.66
CA ILE D 168 -21.39 -19.82 -17.52
C ILE D 168 -21.50 -18.30 -17.30
N SER D 169 -22.72 -17.79 -17.08
CA SER D 169 -22.95 -16.37 -16.78
C SER D 169 -22.32 -16.01 -15.44
N THR D 170 -22.53 -16.84 -14.38
CA THR D 170 -21.97 -16.63 -13.03
C THR D 170 -20.44 -16.55 -13.11
N LEU D 171 -19.82 -17.51 -13.81
CA LEU D 171 -18.37 -17.59 -13.97
C LEU D 171 -17.78 -16.36 -14.65
N CYS D 172 -18.26 -16.00 -15.87
CA CYS D 172 -17.83 -14.82 -16.63
C CYS D 172 -17.97 -13.50 -15.86
N ILE D 173 -19.10 -13.33 -15.13
CA ILE D 173 -19.43 -12.15 -14.31
C ILE D 173 -18.43 -12.01 -13.15
N GLY D 174 -18.14 -13.11 -12.48
CA GLY D 174 -17.16 -13.16 -11.40
C GLY D 174 -15.75 -12.99 -11.93
N ALA D 175 -15.49 -13.54 -13.12
CA ALA D 175 -14.21 -13.45 -13.83
C ALA D 175 -13.94 -12.01 -14.25
N ALA D 176 -15.01 -11.26 -14.56
CA ALA D 176 -14.93 -9.86 -14.94
C ALA D 176 -14.58 -9.01 -13.73
N ALA D 177 -15.26 -9.27 -12.60
CA ALA D 177 -15.09 -8.54 -11.36
C ALA D 177 -13.78 -8.83 -10.62
N PHE D 178 -13.40 -10.13 -10.49
CA PHE D 178 -12.18 -10.50 -9.78
C PHE D 178 -10.90 -10.11 -10.54
N SER D 179 -10.93 -10.12 -11.88
CA SER D 179 -9.76 -9.73 -12.68
C SER D 179 -9.49 -8.23 -12.55
N HIS D 180 -10.55 -7.43 -12.39
CA HIS D 180 -10.47 -5.99 -12.24
C HIS D 180 -9.92 -5.61 -10.86
N TYR D 181 -10.49 -6.19 -9.78
CA TYR D 181 -10.10 -5.88 -8.40
C TYR D 181 -8.84 -6.61 -7.89
N GLU D 182 -8.64 -7.88 -8.27
CA GLU D 182 -7.46 -8.61 -7.78
C GLU D 182 -6.26 -8.53 -8.72
N HIS D 183 -6.36 -7.69 -9.76
CA HIS D 183 -5.30 -7.50 -10.77
C HIS D 183 -4.83 -8.84 -11.36
N TRP D 184 -5.78 -9.60 -11.95
CA TRP D 184 -5.57 -10.90 -12.60
C TRP D 184 -6.05 -10.83 -14.04
N THR D 185 -5.76 -11.88 -14.83
CA THR D 185 -6.24 -11.99 -16.22
C THR D 185 -7.65 -12.59 -16.14
N PHE D 186 -8.46 -12.44 -17.21
CA PHE D 186 -9.82 -12.99 -17.23
C PHE D 186 -9.78 -14.50 -17.01
N PHE D 187 -8.80 -15.19 -17.62
CA PHE D 187 -8.59 -16.63 -17.48
C PHE D 187 -8.29 -17.01 -16.01
N GLN D 188 -7.39 -16.26 -15.33
CA GLN D 188 -7.00 -16.50 -13.93
C GLN D 188 -8.18 -16.34 -12.99
N ALA D 189 -8.97 -15.25 -13.15
CA ALA D 189 -10.16 -14.97 -12.33
C ALA D 189 -11.29 -15.96 -12.63
N TYR D 190 -11.38 -16.45 -13.90
CA TYR D 190 -12.36 -17.47 -14.32
C TYR D 190 -12.02 -18.79 -13.65
N TYR D 191 -10.72 -19.16 -13.65
CA TYR D 191 -10.18 -20.36 -13.03
C TYR D 191 -10.41 -20.32 -11.52
N TYR D 192 -10.24 -19.12 -10.91
CA TYR D 192 -10.47 -18.89 -9.48
C TYR D 192 -11.95 -19.15 -9.16
N CYS D 193 -12.88 -18.53 -9.92
CA CYS D 193 -14.32 -18.70 -9.73
C CYS D 193 -14.73 -20.16 -9.89
N PHE D 194 -14.17 -20.86 -10.90
CA PHE D 194 -14.50 -22.27 -11.12
C PHE D 194 -14.11 -23.12 -9.91
N ILE D 195 -12.84 -23.03 -9.48
CA ILE D 195 -12.27 -23.75 -8.34
C ILE D 195 -13.01 -23.38 -7.02
N THR D 196 -13.54 -22.14 -6.92
CA THR D 196 -14.30 -21.63 -5.77
C THR D 196 -15.68 -22.32 -5.70
N LEU D 197 -16.48 -22.15 -6.76
CA LEU D 197 -17.87 -22.64 -6.87
C LEU D 197 -18.00 -24.16 -6.94
N THR D 198 -16.91 -24.88 -7.22
CA THR D 198 -16.93 -26.35 -7.24
C THR D 198 -16.47 -26.88 -5.87
N THR D 199 -16.24 -25.97 -4.90
CA THR D 199 -15.78 -26.21 -3.53
C THR D 199 -14.39 -26.90 -3.48
N ILE D 200 -13.60 -26.83 -4.57
CA ILE D 200 -12.25 -27.40 -4.62
C ILE D 200 -11.35 -26.54 -3.74
N GLY D 201 -11.29 -25.23 -4.04
CA GLY D 201 -10.54 -24.22 -3.31
C GLY D 201 -9.10 -24.56 -3.01
N PHE D 202 -8.23 -24.63 -4.04
CA PHE D 202 -6.81 -24.92 -3.87
C PHE D 202 -6.14 -23.89 -2.96
N GLY D 203 -6.44 -22.61 -3.19
CA GLY D 203 -5.89 -21.51 -2.42
C GLY D 203 -4.78 -20.79 -3.16
N ASP D 204 -4.50 -21.22 -4.41
CA ASP D 204 -3.48 -20.62 -5.28
C ASP D 204 -3.90 -19.22 -5.73
N TYR D 205 -5.23 -18.99 -5.74
CA TYR D 205 -5.91 -17.74 -6.03
C TYR D 205 -6.95 -17.55 -4.93
N VAL D 206 -6.80 -16.44 -4.17
CA VAL D 206 -7.70 -16.08 -3.07
C VAL D 206 -8.03 -14.59 -3.21
N ALA D 207 -9.33 -14.26 -3.15
CA ALA D 207 -9.76 -12.87 -3.22
C ALA D 207 -9.63 -12.22 -1.85
N LEU D 208 -9.62 -10.87 -1.82
CA LEU D 208 -9.56 -10.04 -0.60
C LEU D 208 -8.22 -10.13 0.15
N GLN D 209 -7.15 -10.57 -0.52
CA GLN D 209 -5.83 -10.69 0.10
C GLN D 209 -4.87 -9.54 -0.22
N LYS D 210 -5.02 -8.92 -1.39
CA LYS D 210 -4.19 -7.81 -1.83
C LYS D 210 -4.64 -6.49 -1.23
N ASP D 211 -3.66 -5.60 -0.95
CA ASP D 211 -3.81 -4.23 -0.44
C ASP D 211 -4.71 -4.10 0.82
N GLN D 212 -4.63 -5.10 1.74
CA GLN D 212 -5.38 -5.18 3.01
C GLN D 212 -6.90 -4.96 2.79
N ALA D 213 -7.47 -5.64 1.78
CA ALA D 213 -8.88 -5.55 1.36
C ALA D 213 -9.89 -5.89 2.45
N LEU D 214 -9.58 -6.89 3.31
CA LEU D 214 -10.47 -7.30 4.41
C LEU D 214 -10.75 -6.18 5.41
N GLN D 215 -9.79 -5.25 5.59
CA GLN D 215 -9.92 -4.13 6.52
C GLN D 215 -10.30 -2.82 5.83
N THR D 216 -9.67 -2.52 4.67
CA THR D 216 -9.82 -1.25 3.95
C THR D 216 -10.92 -1.20 2.85
N GLN D 217 -11.31 -2.35 2.27
CA GLN D 217 -12.31 -2.36 1.18
C GLN D 217 -13.59 -3.14 1.56
N PRO D 218 -14.52 -2.54 2.36
CA PRO D 218 -15.74 -3.29 2.75
C PRO D 218 -16.73 -3.60 1.63
N GLN D 219 -16.77 -2.73 0.60
CA GLN D 219 -17.65 -2.88 -0.56
C GLN D 219 -17.28 -4.13 -1.38
N TYR D 220 -15.98 -4.32 -1.65
CA TYR D 220 -15.47 -5.48 -2.38
C TYR D 220 -15.62 -6.75 -1.53
N VAL D 221 -15.38 -6.64 -0.20
CA VAL D 221 -15.51 -7.74 0.76
C VAL D 221 -16.96 -8.25 0.78
N ALA D 222 -17.95 -7.33 0.77
CA ALA D 222 -19.38 -7.64 0.74
C ALA D 222 -19.75 -8.28 -0.61
N PHE D 223 -19.21 -7.74 -1.72
CA PHE D 223 -19.44 -8.29 -3.06
C PHE D 223 -18.92 -9.73 -3.16
N SER D 224 -17.68 -9.97 -2.70
CA SER D 224 -17.02 -11.27 -2.72
C SER D 224 -17.80 -12.33 -1.99
N PHE D 225 -18.37 -11.97 -0.81
CA PHE D 225 -19.19 -12.88 0.01
C PHE D 225 -20.52 -13.15 -0.68
N VAL D 226 -21.15 -12.10 -1.25
CA VAL D 226 -22.43 -12.20 -1.96
C VAL D 226 -22.24 -13.04 -3.24
N TYR D 227 -21.10 -12.90 -3.95
CA TYR D 227 -20.83 -13.68 -5.15
C TYR D 227 -20.65 -15.16 -4.81
N ILE D 228 -19.75 -15.50 -3.86
CA ILE D 228 -19.48 -16.87 -3.44
C ILE D 228 -20.79 -17.61 -3.11
N LEU D 229 -21.62 -17.03 -2.22
CA LEU D 229 -22.89 -17.61 -1.78
C LEU D 229 -23.94 -17.74 -2.89
N THR D 230 -24.09 -16.74 -3.76
CA THR D 230 -25.06 -16.82 -4.85
C THR D 230 -24.59 -17.80 -5.92
N GLY D 231 -23.29 -17.74 -6.23
CA GLY D 231 -22.64 -18.61 -7.21
C GLY D 231 -22.76 -20.07 -6.90
N LEU D 232 -22.61 -20.42 -5.59
CA LEU D 232 -22.73 -21.79 -5.09
C LEU D 232 -24.18 -22.29 -5.18
N THR D 233 -25.16 -21.36 -5.13
CA THR D 233 -26.57 -21.69 -5.26
C THR D 233 -26.88 -22.04 -6.71
N VAL D 234 -26.24 -21.34 -7.68
CA VAL D 234 -26.40 -21.57 -9.13
C VAL D 234 -25.84 -22.96 -9.49
N ILE D 235 -24.63 -23.30 -8.98
CA ILE D 235 -23.98 -24.60 -9.17
C ILE D 235 -24.79 -25.67 -8.45
N GLY D 236 -25.26 -25.35 -7.24
CA GLY D 236 -26.10 -26.22 -6.42
C GLY D 236 -27.39 -26.60 -7.09
N ALA D 237 -28.06 -25.61 -7.74
CA ALA D 237 -29.31 -25.79 -8.47
C ALA D 237 -29.11 -26.70 -9.69
N PHE D 238 -27.94 -26.58 -10.37
CA PHE D 238 -27.59 -27.39 -11.54
C PHE D 238 -27.34 -28.84 -11.18
N LEU D 239 -26.68 -29.08 -10.02
CA LEU D 239 -26.41 -30.43 -9.51
C LEU D 239 -27.75 -31.08 -9.09
N ASN D 240 -28.64 -30.28 -8.46
CA ASN D 240 -29.98 -30.71 -8.01
C ASN D 240 -30.81 -31.21 -9.20
N LEU D 241 -30.66 -30.56 -10.36
CA LEU D 241 -31.38 -30.86 -11.60
C LEU D 241 -30.86 -32.11 -12.32
N VAL D 242 -29.53 -32.19 -12.56
CA VAL D 242 -28.91 -33.27 -13.33
C VAL D 242 -28.32 -34.41 -12.48
N VAL D 243 -27.55 -34.10 -11.43
CA VAL D 243 -26.81 -35.09 -10.62
C VAL D 243 -27.64 -35.75 -9.48
N LEU D 244 -28.38 -34.96 -8.68
CA LEU D 244 -29.15 -35.45 -7.51
C LEU D 244 -30.13 -36.60 -7.79
N ARG D 245 -30.72 -36.65 -9.00
CA ARG D 245 -31.67 -37.71 -9.40
C ARG D 245 -31.03 -39.12 -9.42
N PHE D 246 -29.77 -39.20 -9.88
CA PHE D 246 -29.00 -40.45 -9.98
C PHE D 246 -28.55 -41.02 -8.62
N MET D 247 -28.53 -40.18 -7.58
CA MET D 247 -28.10 -40.59 -6.23
C MET D 247 -29.15 -41.42 -5.51
N THR D 248 -30.44 -41.07 -5.71
CA THR D 248 -31.61 -41.75 -5.10
C THR D 248 -31.94 -43.06 -5.83
N MET D 249 -31.48 -43.17 -7.10
CA MET D 249 -31.67 -44.31 -8.02
C MET D 249 -31.26 -45.67 -7.44
N ASN D 250 -30.13 -45.72 -6.69
CA ASN D 250 -29.62 -46.93 -6.06
C ASN D 250 -30.57 -47.46 -4.97
N ALA D 251 -31.24 -46.54 -4.24
CA ALA D 251 -32.22 -46.85 -3.20
C ALA D 251 -33.56 -47.27 -3.81
N GLU D 252 -33.91 -46.68 -4.98
CA GLU D 252 -35.15 -46.96 -5.72
C GLU D 252 -35.19 -48.41 -6.22
N ASP D 253 -34.03 -48.92 -6.71
CA ASP D 253 -33.88 -50.28 -7.21
C ASP D 253 -33.99 -51.31 -6.09
N GLU D 254 -33.45 -50.98 -4.89
CA GLU D 254 -33.50 -51.81 -3.69
C GLU D 254 -34.94 -51.83 -3.15
N LYS D 255 -35.66 -50.69 -3.28
CA LYS D 255 -37.06 -50.54 -2.89
C LYS D 255 -37.94 -51.39 -3.80
N ARG D 256 -37.59 -51.45 -5.11
CA ARG D 256 -38.27 -52.23 -6.14
C ARG D 256 -38.09 -53.73 -5.91
N ASP D 257 -36.94 -54.15 -5.35
CA ASP D 257 -36.62 -55.56 -5.06
C ASP D 257 -37.53 -56.12 -3.96
N ALA D 258 -37.64 -55.39 -2.83
CA ALA D 258 -38.44 -55.78 -1.67
C ALA D 258 -39.95 -55.76 -1.97
N GLU D 259 -40.43 -54.72 -2.70
CA GLU D 259 -41.83 -54.54 -3.06
C GLU D 259 -42.37 -55.64 -3.99
N ASN D 260 -41.63 -55.93 -5.08
CA ASN D 260 -42.00 -56.95 -6.08
C ASN D 260 -41.92 -58.38 -5.53
N LEU D 261 -40.82 -58.71 -4.82
CA LEU D 261 -40.60 -60.04 -4.23
C LEU D 261 -41.15 -60.09 -2.81
K K E . 14.43 26.00 -0.61
K K F . 13.37 28.29 0.50
K K G . 12.06 31.33 1.76
CAA Y01 H . 4.75 42.18 -5.48
CBA Y01 H . 3.59 41.72 -6.36
CAB Y01 H . 3.92 41.91 -7.82
CAN Y01 H . 2.27 42.37 -5.96
CAJ Y01 H . 1.16 41.40 -5.58
CAO Y01 H . -0.14 42.09 -5.23
CBB Y01 H . -0.49 42.19 -3.73
CAC Y01 H . -0.21 43.60 -3.23
CBE Y01 H . -1.94 41.70 -3.50
CAP Y01 H . -2.11 40.20 -3.87
CAQ Y01 H . -3.25 39.66 -2.99
CBG Y01 H . -3.86 40.92 -2.35
CBI Y01 H . -2.62 41.84 -2.11
CAE Y01 H . -1.72 41.32 -0.96
CAU Y01 H . -3.19 43.23 -1.76
CAS Y01 H . -4.20 43.22 -0.61
CBF Y01 H . -5.35 42.20 -0.78
CBD Y01 H . -4.82 40.79 -1.16
CAK Y01 H . -6.01 39.88 -1.51
CAI Y01 H . -7.15 40.02 -0.57
CAZ Y01 H . -7.32 41.02 0.30
CAV Y01 H . -8.54 41.06 1.20
CBH Y01 H . -6.31 42.17 0.46
CAD Y01 H . -5.55 41.97 1.79
CAT Y01 H . -7.09 43.51 0.51
CAR Y01 H . -8.30 43.53 1.44
CBC Y01 H . -9.26 42.39 1.13
OAW Y01 H . -10.29 42.38 2.16
CAY Y01 H . -11.47 42.98 1.91
OAG Y01 H . -11.75 43.53 0.88
CAM Y01 H . -12.39 42.87 3.09
CAL Y01 H . -12.01 43.76 4.26
CAX Y01 H . -12.02 45.24 3.96
OAH Y01 H . -11.09 45.88 4.59
OAF Y01 H . -12.82 45.79 3.21
CAA Y01 I . 28.10 45.82 0.43
CBA Y01 I . 28.98 45.07 -0.55
CAB Y01 I . 29.06 45.79 -1.88
CAN Y01 I . 30.37 44.71 -0.05
CAJ Y01 I . 30.47 43.47 0.83
CAO Y01 I . 31.88 42.92 1.01
CBB Y01 I . 32.38 41.97 -0.10
CAC Y01 I . 33.50 42.64 -0.89
CBE Y01 I . 32.74 40.58 0.48
CAP Y01 I . 31.58 39.97 1.30
CAQ Y01 I . 31.72 38.44 1.20
CBG Y01 I . 33.09 38.24 0.54
CBI Y01 I . 33.19 39.42 -0.46
CAE Y01 I . 32.25 39.26 -1.68
CAU Y01 I . 34.66 39.46 -0.92
CAS Y01 I . 35.16 38.12 -1.49
CBF Y01 I . 34.93 36.91 -0.57
CBD Y01 I . 33.48 36.87 -0.03
CAK Y01 I . 33.36 35.78 1.05
CAI Y01 I . 34.06 34.51 0.67
CAZ Y01 I . 34.95 34.38 -0.31
CAV Y01 I . 35.59 33.05 -0.60
CBH Y01 I . 35.37 35.56 -1.21
CAD Y01 I . 34.75 35.35 -2.61
CAT Y01 I . 36.92 35.55 -1.32
CAR Y01 I . 37.53 34.20 -1.67
CBC Y01 I . 37.10 33.12 -0.69
OAW Y01 I . 37.53 31.85 -1.28
CAY Y01 I . 38.29 30.99 -0.57
OAG Y01 I . 38.62 31.17 0.57
CAM Y01 I . 38.68 29.81 -1.41
CAL Y01 I . 39.13 28.58 -0.63
CAX Y01 I . 38.08 27.97 0.24
OAH Y01 I . 38.39 27.97 1.50
OAF Y01 I . 37.04 27.48 -0.19
C1 DMU J . 19.38 63.80 1.83
C2 DMU J . 18.77 65.15 2.22
C3 DMU J . 17.29 65.19 1.89
C4 DMU J . 16.56 63.98 2.47
O5 DMU J . 17.19 62.77 2.02
C6 DMU J . 18.56 62.66 2.42
O7 DMU J . 16.76 66.39 2.47
O16 DMU J . 19.17 61.45 2.04
C18 DMU J . 18.35 60.57 1.27
C19 DMU J . 18.58 59.13 1.68
C22 DMU J . 19.96 58.59 1.34
C25 DMU J . 20.13 57.12 1.59
C28 DMU J . 21.54 56.60 1.31
C31 DMU J . 21.72 55.11 1.54
C34 DMU J . 21.24 54.22 0.38
C37 DMU J . 22.17 53.05 0.11
C40 DMU J . 22.02 52.42 -1.27
C43 DMU J . 22.88 53.08 -2.35
O49 DMU J . 20.73 63.73 2.29
O55 DMU J . 19.46 66.21 1.54
C57 DMU J . 15.11 63.88 2.05
O61 DMU J . 14.31 64.92 2.60
C1 PC1 K . 37.42 16.28 15.38
C2 PC1 K . 36.08 16.73 15.93
O21 PC1 K . 36.27 18.04 16.58
C21 PC1 K . 35.58 19.10 16.11
O22 PC1 K . 34.74 19.04 15.25
C22 PC1 K . 36.00 20.36 16.80
C23 PC1 K . 34.91 20.98 17.66
C24 PC1 K . 34.04 21.96 16.90
C25 PC1 K . 33.55 23.11 17.75
C26 PC1 K . 32.97 24.28 16.97
C27 PC1 K . 32.82 25.57 17.77
C28 PC1 K . 31.63 25.63 18.72
C29 PC1 K . 30.30 25.98 18.05
C2A PC1 K . 29.25 26.56 18.99
C2B PC1 K . 29.57 27.94 19.53
C3 PC1 K . 35.56 15.74 16.93
O31 PC1 K . 34.33 16.25 17.52
C31 PC1 K . 33.17 15.66 17.20
O32 PC1 K . 33.04 14.86 16.30
C32 PC1 K . 32.06 16.11 18.09
C33 PC1 K . 31.50 17.48 17.73
C34 PC1 K . 30.04 17.63 18.09
C35 PC1 K . 29.38 18.89 17.55
C36 PC1 K . 29.59 20.11 18.44
C37 PC1 K . 28.82 21.37 18.00
C38 PC1 K . 27.33 21.28 18.25
C39 PC1 K . 26.59 22.59 18.02
C3A PC1 K . 26.49 23.47 19.25
C3B PC1 K . 25.48 24.61 19.13
C3C PC1 K . 25.15 25.24 20.47
C3D PC1 K . 24.30 26.48 20.39
C3E PC1 K . 23.91 27.04 21.75
K K L . 15.58 23.41 -1.80
CAA Y01 M . 12.54 35.71 16.89
CBA Y01 M . 13.96 35.50 17.37
CAB Y01 M . 14.08 34.34 18.34
CAN Y01 M . 14.54 36.80 17.89
CAJ Y01 M . 15.82 37.29 17.22
CAO Y01 M . 16.38 38.58 17.82
CBB Y01 M . 16.08 39.87 17.04
CAC Y01 M . 14.91 40.60 17.67
CBE Y01 M . 17.37 40.72 16.91
CAP Y01 M . 18.51 39.96 16.18
CAQ Y01 M . 19.42 41.04 15.56
CBG Y01 M . 18.88 42.36 16.13
CBI Y01 M . 17.36 42.11 16.23
CAE Y01 M . 16.67 42.08 14.84
CAU Y01 M . 16.79 43.28 17.07
CAS Y01 M . 17.16 44.66 16.55
CBF Y01 M . 18.68 44.86 16.33
CBD Y01 M . 19.31 43.70 15.52
CAK Y01 M . 20.82 43.84 15.49
CAI Y01 M . 21.29 45.24 15.27
CAZ Y01 M . 20.52 46.33 15.38
CAV Y01 M . 21.11 47.71 15.12
CBH Y01 M . 19.03 46.28 15.76
CAD Y01 M . 18.20 46.60 14.49
CAT Y01 M . 18.76 47.34 16.84
CAR Y01 M . 19.33 48.74 16.56
CBC Y01 M . 20.82 48.67 16.27
OAW Y01 M . 21.28 49.99 15.85
CAY Y01 M . 21.86 50.81 16.76
OAG Y01 M . 22.05 50.51 17.90
CAM Y01 M . 22.25 52.12 16.14
CAL Y01 M . 21.06 53.04 15.88
CAX Y01 M . 20.33 53.48 17.12
OAH Y01 M . 19.05 53.64 16.92
OAF Y01 M . 20.86 53.67 18.19
CAA Y01 N . -7.81 23.67 9.25
CBA Y01 N . -8.07 24.56 8.06
CAB Y01 N . -8.74 25.86 8.49
CAN Y01 N . -8.89 23.84 7.02
CAJ Y01 N . -8.41 23.95 5.57
CAO Y01 N . -9.15 23.04 4.59
CBB Y01 N . -8.65 21.58 4.54
CAC Y01 N . -9.70 20.65 5.16
CBE Y01 N . -8.23 21.18 3.11
CAP Y01 N . -7.23 22.19 2.48
CAQ Y01 N . -6.37 21.41 1.48
CBG Y01 N . -7.07 20.04 1.38
CBI Y01 N . -7.58 19.79 2.82
CAE Y01 N . -6.43 19.48 3.82
CAU Y01 N . -8.54 18.60 2.73
CAS Y01 N . -7.93 17.36 2.07
CBF Y01 N . -7.29 17.62 0.70
CBD Y01 N . -6.34 18.85 0.72
CAK Y01 N . -5.91 19.20 -0.70
CAI Y01 N . -5.52 17.99 -1.50
CAZ Y01 N . -5.82 16.74 -1.18
CAV Y01 N . -5.37 15.60 -2.07
CBH Y01 N . -6.60 16.35 0.09
CAD Y01 N . -5.62 15.70 1.09
CAT Y01 N . -7.70 15.35 -0.30
CAR Y01 N . -7.19 14.15 -1.13
CBC Y01 N . -6.49 14.62 -2.39
OAW Y01 N . -5.82 13.44 -2.94
CAY Y01 N . -6.01 13.09 -4.23
OAG Y01 N . -6.67 13.72 -5.01
CAM Y01 N . -5.28 11.81 -4.54
CAL Y01 N . -5.06 11.53 -6.01
CAX Y01 N . -4.20 12.55 -6.72
OAH Y01 N . -2.94 12.54 -6.36
OAF Y01 N . -4.64 13.29 -7.57
C1 DMU O . -13.69 39.81 21.22
C2 DMU O . -14.21 41.00 22.00
C3 DMU O . -13.08 41.74 22.72
C4 DMU O . -11.94 42.07 21.75
O5 DMU O . -11.50 40.87 21.09
C6 DMU O . -12.53 40.24 20.32
O7 DMU O . -13.62 42.95 23.26
O16 DMU O . -12.08 39.11 19.60
C18 DMU O . -10.72 38.75 19.82
C19 DMU O . -10.08 38.30 18.53
C22 DMU O . -10.64 36.98 17.99
C25 DMU O . -9.88 36.42 16.80
C28 DMU O . -10.50 35.15 16.21
C31 DMU O . -9.66 33.86 16.33
C34 DMU O . -8.46 33.78 15.41
C37 DMU O . -8.36 32.51 14.58
O49 DMU O . -14.73 39.26 20.43
O55 DMU O . -15.19 40.57 22.94
C57 DMU O . -10.72 42.65 22.42
O61 DMU O . -10.97 43.95 22.96
C2 PC1 P . 0.72 19.42 -24.73
O21 PC1 P . 0.83 20.86 -24.59
C21 PC1 P . 2.00 21.43 -24.88
O22 PC1 P . 3.01 20.83 -25.17
C22 PC1 P . 1.90 22.93 -24.81
C23 PC1 P . 1.88 23.50 -23.39
C24 PC1 P . 2.55 24.85 -23.32
C25 PC1 P . 2.48 25.51 -21.96
C26 PC1 P . 1.29 26.45 -21.78
C27 PC1 P . 1.30 27.27 -20.48
C28 PC1 P . 2.36 28.39 -20.43
C29 PC1 P . 2.24 29.30 -19.22
C2A PC1 P . 1.38 30.54 -19.46
C2B PC1 P . 1.45 31.56 -18.35
C2C PC1 P . 0.92 32.93 -18.75
C2D PC1 P . 0.73 33.89 -17.59
C2E PC1 P . 0.24 35.27 -18.00
C2F PC1 P . -0.12 36.18 -16.84
K K Q . -6.81 -25.61 0.03
K K R . -9.57 -26.86 -0.30
K K S . -12.07 -28.02 -0.61
K K T . -15.28 -29.53 -0.92
CAA Y01 U . -23.66 -34.98 12.32
CBA Y01 U . -24.34 -34.27 11.18
CAB Y01 U . -24.12 -35.01 9.87
CAN Y01 U . -25.80 -33.97 11.47
CAJ Y01 U . -26.18 -32.50 11.37
CAO Y01 U . -27.65 -32.23 11.60
CBB Y01 U . -28.48 -31.92 10.33
CAC Y01 U . -29.31 -33.15 9.96
CBE Y01 U . -29.32 -30.64 10.58
CAP Y01 U . -28.42 -29.39 10.75
CAQ Y01 U . -29.29 -28.18 10.36
CBG Y01 U . -30.70 -28.78 10.18
CBI Y01 U . -30.43 -30.19 9.59
CAE Y01 U . -29.92 -30.16 8.13
CAU Y01 U . -31.77 -30.94 9.68
CAS Y01 U . -32.94 -30.21 9.02
CBF Y01 U . -33.12 -28.76 9.48
CBD Y01 U . -31.79 -27.97 9.45
CAK Y01 U . -31.98 -26.60 10.12
CAI Y01 U . -33.27 -25.94 9.72
CAZ Y01 U . -34.30 -26.53 9.13
CAV Y01 U . -35.55 -25.75 8.78
CBH Y01 U . -34.29 -28.02 8.74
CAD Y01 U . -34.13 -28.12 7.20
CAT Y01 U . -35.63 -28.65 9.17
CAR Y01 U . -36.88 -27.86 8.78
CBC Y01 U . -36.80 -26.44 9.28
OAW Y01 U . -37.95 -25.69 8.75
CAY Y01 U . -39.03 -25.51 9.53
OAG Y01 U . -39.11 -25.88 10.66
CAM Y01 U . -40.11 -24.76 8.79
CAL Y01 U . -40.83 -25.60 7.74
CAX Y01 U . -41.53 -26.81 8.29
OAH Y01 U . -42.82 -26.65 8.42
OAF Y01 U . -40.96 -27.85 8.56
C1 DMU V . -28.50 -60.08 0.45
C2 DMU V . -29.86 -60.76 0.51
C3 DMU V . -30.83 -59.98 1.39
C4 DMU V . -30.87 -58.51 0.99
O5 DMU V . -29.54 -57.95 0.99
C6 DMU V . -28.65 -58.61 0.09
O7 DMU V . -32.12 -60.56 1.23
O16 DMU V . -27.37 -58.01 0.03
C18 DMU V . -27.16 -56.94 0.94
C19 DMU V . -26.33 -55.86 0.28
C22 DMU V . -24.89 -56.26 -0.01
C25 DMU V . -24.02 -55.11 -0.48
C28 DMU V . -22.60 -55.52 -0.81
C31 DMU V . -21.71 -54.39 -1.28
C34 DMU V . -21.12 -53.54 -0.15
C37 DMU V . -19.66 -53.13 -0.39
C40 DMU V . -18.61 -53.96 0.35
C43 DMU V . -18.32 -53.48 1.76
O49 DMU V . -27.66 -60.74 -0.50
O55 DMU V . -29.71 -62.09 0.99
C57 DMU V . -31.70 -57.64 1.91
O61 DMU V . -33.08 -57.91 1.80
C1 PC1 W . 6.37 -30.36 -25.47
C2 PC1 W . 4.97 -29.86 -25.24
O21 PC1 W . 4.07 -30.97 -25.54
C21 PC1 W . 3.23 -31.43 -24.58
O22 PC1 W . 3.08 -30.91 -23.50
C22 PC1 W . 2.51 -32.66 -25.04
C23 PC1 W . 1.05 -32.42 -25.35
C24 PC1 W . 0.14 -32.69 -24.18
C25 PC1 W . -1.20 -33.27 -24.58
C26 PC1 W . -1.99 -33.88 -23.43
C27 PC1 W . -3.13 -34.81 -23.85
C28 PC1 W . -4.36 -34.10 -24.41
C29 PC1 W . -5.33 -33.60 -23.35
C2A PC1 W . -6.76 -33.37 -23.83
C2B PC1 W . -7.47 -34.62 -24.38
C2C PC1 W . -7.79 -35.71 -23.36
C2D PC1 W . -9.13 -35.54 -22.68
C3 PC1 W . 4.65 -28.71 -26.15
O31 PC1 W . 3.27 -28.30 -26.01
C31 PC1 W . 2.99 -27.16 -25.35
O32 PC1 W . 3.78 -26.54 -24.70
C32 PC1 W . 1.56 -26.74 -25.57
C33 PC1 W . 0.56 -27.58 -24.80
C34 PC1 W . -0.72 -26.80 -24.50
C35 PC1 W . -1.70 -27.53 -23.58
C36 PC1 W . -2.61 -28.52 -24.30
C37 PC1 W . -3.74 -29.08 -23.43
C38 PC1 W . -4.88 -28.10 -23.20
C39 PC1 W . -6.10 -28.72 -22.53
C3A PC1 W . -7.17 -29.21 -23.51
C3B PC1 W . -8.48 -29.59 -22.85
C3C PC1 W . -9.62 -29.76 -23.84
C3D PC1 W . -10.89 -30.34 -23.24
C3E PC1 W . -12.05 -30.44 -24.22
C3F PC1 W . -13.26 -31.18 -23.67
C3G PC1 W . -14.59 -30.74 -24.28
C3H PC1 W . -15.81 -31.25 -23.52
C3I PC1 W . -17.11 -30.64 -24.00
CAA Y01 X . -22.98 -31.46 -14.27
CBA Y01 X . -22.15 -32.11 -15.35
CAB Y01 X . -21.87 -31.15 -16.49
CAN Y01 X . -22.77 -33.39 -15.82
CAJ Y01 X . -21.89 -34.62 -15.66
CAO Y01 X . -22.52 -35.92 -16.17
CBB Y01 X . -23.11 -36.85 -15.09
CAC Y01 X . -24.63 -36.69 -15.05
CBE Y01 X . -22.61 -38.29 -15.36
CAP Y01 X . -21.07 -38.41 -15.20
CAQ Y01 X . -20.78 -39.88 -14.82
CBG Y01 X . -22.14 -40.57 -15.01
CBI Y01 X . -23.16 -39.50 -14.55
CAE Y01 X . -23.15 -39.26 -13.02
CAU Y01 X . -24.54 -40.03 -15.00
CAS Y01 X . -24.85 -41.45 -14.48
CBF Y01 X . -23.76 -42.48 -14.81
CBD Y01 X . -22.35 -41.99 -14.42
CAK Y01 X . -21.31 -42.96 -14.96
CAI Y01 X . -21.68 -44.40 -14.78
CAZ Y01 X . -22.89 -44.84 -14.47
CAV Y01 X . -23.14 -46.33 -14.32
CBH Y01 X . -24.09 -43.91 -14.24
CAD Y01 X . -24.40 -43.86 -12.73
CAT Y01 X . -25.32 -44.48 -14.99
CAR Y01 X . -25.58 -45.97 -14.78
CBC Y01 X . -24.34 -46.79 -15.12
OAW Y01 X . -24.59 -48.19 -14.77
CAY Y01 X . -24.96 -49.06 -15.73
OAG Y01 X . -25.07 -48.77 -16.90
CAM Y01 X . -25.21 -50.43 -15.16
CAL Y01 X . -26.47 -50.53 -14.33
CAX Y01 X . -27.73 -50.27 -15.10
OAH Y01 X . -28.34 -51.36 -15.44
OAF Y01 X . -28.14 -49.15 -15.36
CAA Y01 Y . -28.14 -10.82 -1.42
CBA Y01 Y . -28.01 -11.72 -0.20
CAB Y01 Y . -29.11 -12.77 -0.20
CAN Y01 Y . -27.98 -10.86 1.05
CAJ Y01 Y . -27.16 -11.40 2.23
CAO Y01 Y . -26.86 -10.37 3.31
CBB Y01 Y . -25.65 -9.46 3.03
CAC Y01 Y . -26.11 -8.02 2.78
CBE Y01 Y . -24.58 -9.58 4.15
CAP Y01 Y . -24.21 -11.04 4.45
CAQ Y01 Y . -22.78 -11.03 5.04
CBG Y01 Y . -22.47 -9.53 5.21
CBI Y01 Y . -23.21 -8.86 4.03
CAE Y01 Y . -22.54 -9.15 2.65
CAU Y01 Y . -23.20 -7.34 4.33
CAS Y01 Y . -21.79 -6.78 4.56
CBF Y01 Y . -20.97 -7.54 5.62
CBD Y01 Y . -21.01 -9.07 5.42
CAK Y01 Y . -20.39 -9.77 6.62
CAI Y01 Y . -19.10 -9.12 7.04
CAZ Y01 Y . -18.70 -7.91 6.68
CAV Y01 Y . -17.37 -7.37 7.18
CBH Y01 Y . -19.51 -7.00 5.76
CAD Y01 Y . -18.79 -6.92 4.39
CAT Y01 Y . -19.56 -5.58 6.39
CAR Y01 Y . -18.18 -5.04 6.80
CBC Y01 Y . -17.47 -5.97 7.76
OAW Y01 Y . -16.09 -5.47 7.86
CAY Y01 Y . -15.56 -5.23 9.07
OAG Y01 Y . -16.11 -5.45 10.11
CAM Y01 Y . -14.18 -4.65 8.92
CAL Y01 Y . -13.32 -4.72 10.18
CAX Y01 Y . -12.98 -6.11 10.62
OAH Y01 Y . -13.45 -6.40 11.80
OAF Y01 Y . -12.31 -6.88 9.95
C2 PC1 Z . -8.06 -16.38 25.87
O21 PC1 Z . -8.17 -17.80 26.17
C21 PC1 Z . -7.27 -18.65 25.61
O22 PC1 Z . -6.35 -18.29 24.91
C22 PC1 Z . -7.58 -20.08 25.94
C23 PC1 Z . -8.82 -20.60 25.23
C24 PC1 Z . -8.85 -22.10 24.98
C25 PC1 Z . -9.83 -22.53 23.87
C26 PC1 Z . -11.33 -22.42 24.21
C27 PC1 Z . -12.29 -22.92 23.13
C28 PC1 Z . -12.19 -24.42 22.83
C29 PC1 Z . -13.27 -24.95 21.91
C2A PC1 Z . -14.49 -25.50 22.62
C2B PC1 Z . -15.44 -26.24 21.70
C2C PC1 Z . -16.51 -27.02 22.44
C2D PC1 Z . -17.62 -27.52 21.54
C2E PC1 Z . -18.66 -28.38 22.26
C2F PC1 Z . -19.88 -28.69 21.41
C2G PC1 Z . -20.55 -30.02 21.74
C2H PC1 Z . -21.58 -30.47 20.70
C2I PC1 Z . -22.08 -31.88 20.93
#